data_9CLP
#
_entry.id   9CLP
#
_cell.length_a   1.00
_cell.length_b   1.00
_cell.length_c   1.00
_cell.angle_alpha   90.00
_cell.angle_beta   90.00
_cell.angle_gamma   90.00
#
_symmetry.space_group_name_H-M   'P 1'
#
loop_
_entity.id
_entity.type
_entity.pdbx_description
1 polymer 'Zinc metalloproteinase-disintegrin-like ecarin'
2 polymer 'Endogenous peptide'
3 polymer 'H11 Fab heavy chain'
4 polymer 'H11 Fab light chain'
5 non-polymer 'ZINC ION'
6 non-polymer 'CALCIUM ION'
#
loop_
_entity_poly.entity_id
_entity_poly.type
_entity_poly.pdbx_seq_one_letter_code
_entity_poly.pdbx_strand_id
1 'polypeptide(L)'
;VPPHERKFEKKFIELVVVVDHSMVTKYNNDSTAIRTWIYEMLNTVNEIYLPFNIRVALVGLEFWCNGDLINVTSTADDTL
HSFGEWRASDLLNRKRHDHAQLLTNVTLDHSTLGITFVYGMCKSDRSVELILDYSNITFNMAYIIAHEMGHSLGMLHDTK
FCTCGAKPCIMFGKESIPPPKEFSSCSYDQYNKYLLKYNPKCILDPPLRKDIASPAVCGNEIWEEGEECDCGSPADCRNP
CCDAATCKLKPGAECGNGECCDKCKIRKAGTECRPARDDCDVAEHCTGQSAECPRNEFQRNGQPCLNNSGYCYNGDCPIM
LNQCIALFSPSATVAQDSCFQRNLQGSYYGYCTKEIGYYGKRFPCAPQDVKCGRLYCLDNSFKKNMRCKNDYSYADENKG
IVEPGTKCEDGKVCINRKCVDVNTAY
;
A
2 'polypeptide(L)' (UNK)(UNK)(UNK)(UNK)(UNK)(UNK)(UNK) C
3 'polypeptide(L)'
;QVQLVQSGAEVKKPGASVKVSCKASGYTFTGYYMHWVRQAPGQGLEWMGWINPNSGGTNYAQKFQGRVTMTRDTSISTAY
MELSRLRSDDTAVYYCAREWDDDDFSFDYWGQGTLVTVSSASTKGPSVFPLAPSSKSTSGGTAALGCLVKDYFPEPVTVS
WNSGALTSGVHTFPAVLQSSGLYSLSSVVTVPSSSLGTQTYICNVNHKPSNTKVDKK
;
H
4 'polypeptide(L)'
;QSALTQPASVSGSPGQSITISCTGTSSDVGGYNYVSWYQQHPGKAPKLMIYEVSNRPSGVSNRFSGSKSGNTASLTISGL
QAEDEADYYCSSYTSSSTLVVFGGGTKLTVLGQPKAAPSVTLFPPSSEELQANKATLVCLISDFYPGAVTVAWKADSSPV
KAGVETTTPSKQSNNKYAASSYLSLTPEQWKSHKSYSCQVTHEGSTVEKTVAPTECS
;
L
#
# COMPACT_ATOMS: atom_id res chain seq x y z
N GLU A 5 3.31 -13.01 28.14
CA GLU A 5 3.12 -14.33 27.57
C GLU A 5 4.44 -14.91 27.06
N ARG A 6 5.38 -14.02 26.75
CA ARG A 6 6.68 -14.44 26.22
C ARG A 6 7.70 -13.35 26.51
N LYS A 7 8.94 -13.78 26.73
CA LYS A 7 10.06 -12.86 26.91
C LYS A 7 10.66 -12.59 25.55
N PHE A 8 10.27 -11.47 24.94
CA PHE A 8 10.73 -11.13 23.60
C PHE A 8 12.23 -10.89 23.61
N GLU A 9 12.87 -11.18 22.48
CA GLU A 9 14.31 -10.95 22.36
C GLU A 9 14.60 -9.47 22.43
N LYS A 10 15.69 -9.12 23.11
CA LYS A 10 15.97 -7.76 23.53
C LYS A 10 16.36 -6.90 22.33
N LYS A 11 15.58 -5.87 22.04
CA LYS A 11 15.77 -5.01 20.88
C LYS A 11 15.97 -3.58 21.35
N PHE A 12 16.82 -2.83 20.64
CA PHE A 12 17.11 -1.43 20.94
C PHE A 12 16.70 -0.57 19.75
N ILE A 13 15.76 0.36 19.99
CA ILE A 13 15.40 1.33 18.97
C ILE A 13 16.28 2.57 19.14
N GLU A 14 16.89 3.01 18.04
CA GLU A 14 17.68 4.24 18.02
C GLU A 14 16.80 5.39 17.56
N LEU A 15 16.54 6.34 18.45
CA LEU A 15 15.57 7.40 18.23
C LEU A 15 16.27 8.76 18.14
N VAL A 16 15.77 9.60 17.24
CA VAL A 16 16.22 10.98 17.10
C VAL A 16 14.99 11.88 17.22
N VAL A 17 15.05 12.84 18.14
CA VAL A 17 13.92 13.73 18.43
C VAL A 17 14.26 15.12 17.91
N VAL A 18 13.35 15.67 17.10
CA VAL A 18 13.52 17.00 16.51
C VAL A 18 12.44 17.91 17.09
N VAL A 19 12.84 19.11 17.51
CA VAL A 19 11.93 20.08 18.09
C VAL A 19 11.63 21.15 17.04
N ASP A 20 10.34 21.42 16.85
CA ASP A 20 9.92 22.40 15.86
C ASP A 20 10.24 23.81 16.34
N HIS A 21 10.27 24.76 15.39
CA HIS A 21 10.53 26.15 15.75
C HIS A 21 9.47 26.70 16.69
N SER A 22 8.22 26.27 16.54
CA SER A 22 7.17 26.71 17.45
C SER A 22 7.41 26.24 18.88
N MET A 23 7.90 25.01 19.04
CA MET A 23 8.14 24.45 20.37
C MET A 23 9.32 25.11 21.06
N VAL A 24 10.41 25.36 20.33
CA VAL A 24 11.60 25.94 20.96
C VAL A 24 11.35 27.37 21.39
N THR A 25 10.47 28.09 20.70
CA THR A 25 10.16 29.47 21.08
C THR A 25 9.24 29.55 22.30
N LYS A 26 8.50 28.47 22.60
CA LYS A 26 7.65 28.47 23.79
C LYS A 26 8.49 28.55 25.06
N TYR A 27 9.63 27.86 25.09
CA TYR A 27 10.54 27.90 26.22
C TYR A 27 11.52 29.07 26.13
N ASN A 28 11.39 29.93 25.12
CA ASN A 28 12.22 31.11 24.95
C ASN A 28 13.70 30.73 24.81
N ASN A 29 13.96 29.78 23.91
CA ASN A 29 15.30 29.33 23.54
C ASN A 29 16.07 28.73 24.70
N ASP A 30 15.38 28.29 25.75
CA ASP A 30 16.03 27.65 26.90
C ASP A 30 16.22 26.16 26.58
N SER A 31 17.33 25.88 25.88
CA SER A 31 17.60 24.52 25.40
C SER A 31 17.73 23.54 26.55
N THR A 32 18.25 23.98 27.70
CA THR A 32 18.42 23.08 28.83
C THR A 32 17.09 22.52 29.33
N ALA A 33 16.07 23.38 29.43
CA ALA A 33 14.76 22.91 29.86
C ALA A 33 14.18 21.91 28.87
N ILE A 34 14.33 22.16 27.57
CA ILE A 34 13.83 21.24 26.56
C ILE A 34 14.55 19.91 26.67
N ARG A 35 15.87 19.94 26.84
CA ARG A 35 16.64 18.70 26.97
C ARG A 35 16.19 17.91 28.19
N THR A 36 16.00 18.60 29.33
CA THR A 36 15.55 17.91 30.53
C THR A 36 14.16 17.30 30.33
N TRP A 37 13.26 18.05 29.70
CA TRP A 37 11.92 17.54 29.42
C TRP A 37 11.98 16.29 28.55
N ILE A 38 12.78 16.34 27.48
CA ILE A 38 12.88 15.19 26.57
C ILE A 38 13.48 13.99 27.30
N TYR A 39 14.51 14.21 28.11
CA TYR A 39 15.12 13.10 28.84
C TYR A 39 14.11 12.48 29.81
N GLU A 40 13.30 13.31 30.47
CA GLU A 40 12.32 12.77 31.41
C GLU A 40 11.25 11.95 30.68
N MET A 41 10.71 12.46 29.58
CA MET A 41 9.68 11.69 28.89
C MET A 41 10.25 10.43 28.29
N LEU A 42 11.51 10.47 27.82
CA LEU A 42 12.12 9.26 27.27
C LEU A 42 12.45 8.25 28.36
N ASN A 43 12.79 8.71 29.57
CA ASN A 43 12.94 7.79 30.68
C ASN A 43 11.61 7.11 31.00
N THR A 44 10.52 7.87 30.97
CA THR A 44 9.21 7.27 31.18
C THR A 44 8.86 6.25 30.08
N VAL A 45 9.20 6.58 28.83
CA VAL A 45 8.93 5.67 27.72
C VAL A 45 9.75 4.39 27.87
N ASN A 46 11.01 4.52 28.27
CA ASN A 46 11.81 3.32 28.53
C ASN A 46 11.25 2.52 29.69
N GLU A 47 10.67 3.20 30.69
CA GLU A 47 10.04 2.49 31.80
C GLU A 47 8.83 1.70 31.35
N ILE A 48 8.02 2.26 30.44
CA ILE A 48 6.75 1.62 30.10
C ILE A 48 6.97 0.47 29.13
N TYR A 49 8.02 0.53 28.30
CA TYR A 49 8.34 -0.58 27.41
C TYR A 49 9.13 -1.69 28.09
N LEU A 50 9.34 -1.62 29.40
CA LEU A 50 10.07 -2.67 30.10
C LEU A 50 9.46 -4.05 29.91
N PRO A 51 8.14 -4.26 30.03
CA PRO A 51 7.60 -5.61 29.76
C PRO A 51 7.83 -6.09 28.34
N PHE A 52 7.97 -5.18 27.37
CA PHE A 52 8.20 -5.56 25.98
C PHE A 52 9.65 -5.90 25.69
N ASN A 53 10.55 -5.69 26.66
CA ASN A 53 11.99 -5.91 26.46
C ASN A 53 12.53 -5.07 25.31
N ILE A 54 11.87 -3.94 25.04
CA ILE A 54 12.29 -3.00 24.01
C ILE A 54 12.80 -1.74 24.68
N ARG A 55 13.98 -1.29 24.28
CA ARG A 55 14.60 -0.10 24.85
C ARG A 55 14.66 1.00 23.81
N VAL A 56 14.33 2.22 24.24
CA VAL A 56 14.37 3.38 23.36
C VAL A 56 15.52 4.27 23.78
N ALA A 57 16.68 4.09 23.17
CA ALA A 57 17.88 4.85 23.50
C ALA A 57 17.96 6.07 22.60
N LEU A 58 17.88 7.26 23.19
CA LEU A 58 18.00 8.51 22.44
C LEU A 58 19.41 8.62 21.89
N VAL A 59 19.52 8.88 20.58
CA VAL A 59 20.82 8.98 19.93
C VAL A 59 21.25 10.42 19.68
N GLY A 60 20.33 11.30 19.29
CA GLY A 60 20.68 12.67 19.03
C GLY A 60 19.45 13.56 19.03
N LEU A 61 19.68 14.85 19.30
CA LEU A 61 18.62 15.85 19.30
C LEU A 61 18.89 16.88 18.21
N GLU A 62 17.84 17.30 17.54
CA GLU A 62 17.92 18.30 16.48
C GLU A 62 17.08 19.51 16.88
N PHE A 63 17.70 20.69 16.86
CA PHE A 63 17.05 21.94 17.24
C PHE A 63 16.89 22.80 15.99
N TRP A 64 15.66 22.92 15.51
CA TRP A 64 15.33 23.87 14.45
C TRP A 64 15.11 25.22 15.11
N CYS A 65 16.20 25.95 15.31
CA CYS A 65 16.18 27.22 16.02
C CYS A 65 16.47 28.35 15.04
N ASN A 66 15.71 29.44 15.19
CA ASN A 66 15.82 30.62 14.32
C ASN A 66 15.55 30.25 12.87
N GLY A 67 14.80 29.18 12.64
CA GLY A 67 14.48 28.76 11.29
C GLY A 67 13.75 27.44 11.31
N ASP A 68 13.21 27.07 10.15
CA ASP A 68 12.53 25.80 9.97
C ASP A 68 12.81 25.29 8.56
N LEU A 69 12.80 23.97 8.40
CA LEU A 69 13.16 23.34 7.14
C LEU A 69 12.00 22.66 6.44
N ILE A 70 10.83 22.56 7.08
CA ILE A 70 9.66 21.95 6.46
C ILE A 70 8.45 22.83 6.73
N ASN A 71 7.44 22.71 5.86
CA ASN A 71 6.21 23.49 5.96
C ASN A 71 5.26 22.79 6.93
N VAL A 72 5.45 23.08 8.22
CA VAL A 72 4.57 22.53 9.24
C VAL A 72 3.22 23.23 9.16
N THR A 73 2.15 22.45 8.97
CA THR A 73 0.81 22.99 8.80
C THR A 73 -0.11 22.37 9.84
N SER A 74 -1.29 22.98 9.99
CA SER A 74 -2.28 22.48 10.93
C SER A 74 -2.78 21.09 10.55
N THR A 75 -2.68 20.72 9.28
CA THR A 75 -3.10 19.41 8.82
C THR A 75 -2.04 18.38 9.21
N ALA A 76 -2.44 17.37 9.97
CA ALA A 76 -1.47 16.38 10.46
C ALA A 76 -0.86 15.58 9.33
N ASP A 77 -1.68 15.15 8.36
CA ASP A 77 -1.19 14.29 7.29
C ASP A 77 -0.15 15.00 6.44
N ASP A 78 -0.40 16.26 6.10
CA ASP A 78 0.51 16.99 5.22
C ASP A 78 1.88 17.16 5.86
N THR A 79 1.91 17.66 7.10
CA THR A 79 3.19 17.85 7.78
C THR A 79 3.86 16.52 8.10
N LEU A 80 3.07 15.47 8.35
CA LEU A 80 3.67 14.15 8.59
C LEU A 80 4.37 13.64 7.35
N HIS A 81 3.72 13.74 6.19
CA HIS A 81 4.35 13.32 4.94
C HIS A 81 5.59 14.17 4.64
N SER A 82 5.49 15.49 4.85
CA SER A 82 6.64 16.36 4.59
C SER A 82 7.81 16.02 5.49
N PHE A 83 7.56 15.79 6.78
CA PHE A 83 8.64 15.44 7.69
C PHE A 83 9.21 14.06 7.35
N GLY A 84 8.38 13.12 6.93
CA GLY A 84 8.89 11.82 6.52
C GLY A 84 9.81 11.93 5.31
N GLU A 85 9.40 12.70 4.32
CA GLU A 85 10.23 12.91 3.14
C GLU A 85 11.55 13.59 3.51
N TRP A 86 11.47 14.64 4.34
CA TRP A 86 12.69 15.33 4.76
C TRP A 86 13.61 14.41 5.55
N ARG A 87 13.04 13.59 6.44
CA ARG A 87 13.84 12.65 7.20
C ARG A 87 14.56 11.68 6.29
N ALA A 88 13.81 11.02 5.39
CA ALA A 88 14.43 10.03 4.50
C ALA A 88 15.42 10.67 3.53
N SER A 89 15.28 11.96 3.25
CA SER A 89 16.21 12.63 2.34
C SER A 89 17.46 13.13 3.03
N ASP A 90 17.38 13.58 4.28
CA ASP A 90 18.50 14.24 4.94
C ASP A 90 19.00 13.48 6.16
N LEU A 91 18.13 13.10 7.08
CA LEU A 91 18.58 12.65 8.40
C LEU A 91 19.27 11.28 8.31
N LEU A 92 18.69 10.37 7.52
CA LEU A 92 19.34 9.07 7.33
C LEU A 92 20.69 9.21 6.65
N ASN A 93 20.80 10.12 5.69
CA ASN A 93 22.07 10.32 5.00
C ASN A 93 23.09 11.01 5.90
N ARG A 94 22.63 11.76 6.90
CA ARG A 94 23.52 12.49 7.79
C ARG A 94 23.75 11.82 9.13
N LYS A 95 22.77 11.07 9.64
CA LYS A 95 22.88 10.48 10.96
C LYS A 95 22.21 9.11 10.97
N ARG A 96 22.96 8.09 11.38
CA ARG A 96 22.41 6.74 11.44
C ARG A 96 21.48 6.60 12.64
N HIS A 97 20.28 6.08 12.39
CA HIS A 97 19.28 5.87 13.43
C HIS A 97 18.21 4.93 12.88
N ASP A 98 17.24 4.61 13.75
CA ASP A 98 16.14 3.73 13.37
C ASP A 98 14.80 4.45 13.29
N HIS A 99 14.52 5.39 14.19
CA HIS A 99 13.23 6.05 14.25
C HIS A 99 13.46 7.54 14.49
N ALA A 100 12.53 8.36 14.00
CA ALA A 100 12.60 9.80 14.15
C ALA A 100 11.26 10.35 14.62
N GLN A 101 11.31 11.42 15.40
CA GLN A 101 10.12 12.03 15.96
C GLN A 101 10.25 13.55 15.94
N LEU A 102 9.15 14.22 15.60
CA LEU A 102 9.09 15.68 15.60
C LEU A 102 8.23 16.15 16.76
N LEU A 103 8.71 17.16 17.47
CA LEU A 103 8.01 17.75 18.60
C LEU A 103 7.64 19.18 18.24
N THR A 104 6.35 19.48 18.22
CA THR A 104 5.86 20.77 17.75
C THR A 104 4.81 21.30 18.71
N ASN A 105 4.66 22.63 18.72
CA ASN A 105 3.63 23.29 19.51
C ASN A 105 2.42 23.70 18.69
N VAL A 106 2.47 23.57 17.36
CA VAL A 106 1.38 23.99 16.50
C VAL A 106 0.20 23.05 16.71
N THR A 107 -0.95 23.61 17.06
CA THR A 107 -2.16 22.80 17.24
C THR A 107 -2.60 22.21 15.91
N LEU A 108 -3.09 20.98 15.95
CA LEU A 108 -3.51 20.26 14.76
C LEU A 108 -5.04 20.20 14.67
N ASP A 109 -5.53 19.96 13.46
CA ASP A 109 -6.96 19.89 13.23
C ASP A 109 -7.57 18.67 13.94
N HIS A 110 -8.85 18.81 14.29
CA HIS A 110 -9.62 17.78 15.00
C HIS A 110 -9.00 17.42 16.34
N SER A 111 -8.20 18.33 16.91
CA SER A 111 -7.53 18.14 18.20
C SER A 111 -6.61 16.93 18.21
N THR A 112 -6.11 16.51 17.04
CA THR A 112 -5.19 15.39 16.98
C THR A 112 -3.87 15.77 17.64
N LEU A 113 -3.36 14.86 18.46
CA LEU A 113 -2.16 15.12 19.24
C LEU A 113 -0.93 14.36 18.73
N GLY A 114 -1.14 13.22 18.08
CA GLY A 114 -0.03 12.46 17.55
C GLY A 114 -0.48 11.57 16.41
N ILE A 115 0.40 11.38 15.44
CA ILE A 115 0.09 10.58 14.25
C ILE A 115 1.40 10.06 13.67
N THR A 116 1.37 8.81 13.18
CA THR A 116 2.52 8.20 12.55
C THR A 116 2.05 7.02 11.70
N PHE A 117 2.92 6.57 10.81
CA PHE A 117 2.61 5.46 9.91
C PHE A 117 2.82 4.12 10.61
N VAL A 118 1.82 3.24 10.50
CA VAL A 118 1.93 1.92 11.10
C VAL A 118 2.86 1.04 10.28
N TYR A 119 3.50 0.08 10.95
CA TYR A 119 4.40 -0.93 10.39
C TYR A 119 5.66 -0.34 9.77
N GLY A 120 6.00 0.92 10.06
CA GLY A 120 7.06 1.58 9.34
C GLY A 120 8.43 1.58 10.01
N MET A 121 8.61 0.78 11.07
CA MET A 121 9.82 0.84 11.90
C MET A 121 11.12 0.97 11.11
N CYS A 122 11.39 0.02 10.21
CA CYS A 122 12.66 0.03 9.48
C CYS A 122 12.59 0.80 8.17
N LYS A 123 11.41 1.23 7.73
CA LYS A 123 11.28 1.88 6.43
C LYS A 123 11.89 3.27 6.46
N SER A 124 12.58 3.63 5.37
CA SER A 124 13.20 4.94 5.28
C SER A 124 12.16 6.06 5.26
N ASP A 125 11.31 6.05 4.23
CA ASP A 125 10.32 7.11 4.07
C ASP A 125 9.18 7.03 5.09
N ARG A 126 9.07 5.93 5.83
CA ARG A 126 7.86 5.67 6.59
C ARG A 126 8.09 5.43 8.07
N SER A 127 9.32 5.57 8.57
CA SER A 127 9.60 5.58 10.01
C SER A 127 9.71 7.03 10.44
N VAL A 128 8.59 7.60 10.89
CA VAL A 128 8.53 9.03 11.21
C VAL A 128 7.35 9.22 12.15
N GLU A 129 7.44 10.23 13.01
CA GLU A 129 6.45 10.43 14.06
C GLU A 129 6.25 11.92 14.28
N LEU A 130 5.00 12.29 14.56
CA LEU A 130 4.61 13.68 14.81
C LEU A 130 3.85 13.73 16.13
N ILE A 131 4.28 14.58 17.04
CA ILE A 131 3.67 14.68 18.36
C ILE A 131 3.48 16.16 18.71
N LEU A 132 2.37 16.47 19.36
CA LEU A 132 2.08 17.83 19.83
C LEU A 132 2.29 17.91 21.33
N ASP A 133 3.05 18.91 21.78
CA ASP A 133 3.30 19.12 23.21
C ASP A 133 2.09 19.75 23.87
N TYR A 134 1.13 18.91 24.29
CA TYR A 134 -0.13 19.38 24.83
C TYR A 134 -0.24 19.28 26.35
N SER A 135 0.80 18.81 27.04
CA SER A 135 0.70 18.53 28.47
C SER A 135 1.81 19.23 29.23
N ASN A 136 1.45 19.74 30.42
CA ASN A 136 2.43 20.35 31.31
C ASN A 136 3.21 19.30 32.11
N ILE A 137 2.73 18.06 32.15
CA ILE A 137 3.41 16.98 32.85
C ILE A 137 3.95 15.99 31.83
N THR A 138 5.09 15.36 32.16
CA THR A 138 5.74 14.46 31.22
C THR A 138 5.04 13.12 31.10
N PHE A 139 4.27 12.72 32.12
CA PHE A 139 3.66 11.40 32.12
C PHE A 139 2.61 11.28 31.02
N ASN A 140 1.70 12.26 30.96
CA ASN A 140 0.69 12.27 29.89
C ASN A 140 1.32 12.48 28.53
N MET A 141 2.51 13.08 28.49
CA MET A 141 3.22 13.26 27.23
C MET A 141 3.75 11.93 26.73
N ALA A 142 4.41 11.18 27.62
CA ALA A 142 4.93 9.86 27.29
C ALA A 142 3.80 8.89 26.97
N TYR A 143 2.61 9.12 27.53
CA TYR A 143 1.43 8.37 27.10
C TYR A 143 1.31 8.31 25.58
N ILE A 144 1.22 9.48 24.94
CA ILE A 144 0.97 9.47 23.50
C ILE A 144 2.25 9.22 22.72
N ILE A 145 3.42 9.51 23.32
CA ILE A 145 4.67 9.04 22.71
C ILE A 145 4.63 7.52 22.54
N ALA A 146 4.26 6.81 23.61
CA ALA A 146 4.17 5.36 23.56
C ALA A 146 3.08 4.89 22.61
N HIS A 147 1.92 5.57 22.61
CA HIS A 147 0.85 5.20 21.71
C HIS A 147 1.31 5.25 20.24
N GLU A 148 1.93 6.37 19.85
CA GLU A 148 2.34 6.51 18.46
C GLU A 148 3.48 5.55 18.11
N MET A 149 4.46 5.38 19.01
CA MET A 149 5.54 4.46 18.70
C MET A 149 5.04 3.01 18.64
N GLY A 150 4.03 2.67 19.43
CA GLY A 150 3.39 1.37 19.30
C GLY A 150 2.64 1.22 18.00
N HIS A 151 2.01 2.30 17.52
CA HIS A 151 1.48 2.29 16.16
C HIS A 151 2.57 1.97 15.14
N SER A 152 3.74 2.58 15.30
CA SER A 152 4.81 2.36 14.33
C SER A 152 5.32 0.92 14.35
N LEU A 153 5.12 0.22 15.46
CA LEU A 153 5.51 -1.19 15.57
C LEU A 153 4.42 -2.14 15.12
N GLY A 154 3.31 -1.64 14.59
CA GLY A 154 2.26 -2.48 14.08
C GLY A 154 1.09 -2.72 15.01
N MET A 155 1.12 -2.17 16.22
CA MET A 155 0.01 -2.32 17.14
C MET A 155 -1.07 -1.29 16.83
N LEU A 156 -2.32 -1.73 16.85
CA LEU A 156 -3.46 -0.90 16.47
C LEU A 156 -4.21 -0.41 17.70
N HIS A 157 -5.15 0.50 17.45
CA HIS A 157 -6.05 0.95 18.51
C HIS A 157 -6.80 -0.22 19.12
N ASP A 158 -7.02 -0.14 20.43
CA ASP A 158 -7.54 -1.27 21.18
C ASP A 158 -8.99 -1.56 20.79
N THR A 159 -9.26 -2.82 20.48
CA THR A 159 -10.61 -3.28 20.19
C THR A 159 -11.32 -3.59 21.50
N LYS A 160 -12.64 -3.45 21.49
CA LYS A 160 -13.44 -3.72 22.68
C LYS A 160 -13.20 -5.15 23.17
N PHE A 161 -13.42 -5.34 24.48
CA PHE A 161 -13.20 -6.59 25.22
C PHE A 161 -11.72 -6.89 25.42
N CYS A 162 -10.81 -6.02 25.00
CA CYS A 162 -9.39 -6.16 25.27
C CYS A 162 -8.90 -5.25 26.39
N THR A 163 -9.81 -4.82 27.28
CA THR A 163 -9.42 -3.95 28.38
C THR A 163 -8.47 -4.69 29.32
N CYS A 164 -7.52 -3.94 29.89
CA CYS A 164 -6.50 -4.49 30.77
C CYS A 164 -6.69 -3.94 32.17
N GLY A 165 -6.87 -4.85 33.13
CA GLY A 165 -7.03 -4.45 34.52
C GLY A 165 -8.24 -3.59 34.79
N ALA A 166 -9.33 -3.80 34.05
CA ALA A 166 -10.57 -3.03 34.18
C ALA A 166 -10.33 -1.54 33.99
N LYS A 167 -9.31 -1.19 33.21
CA LYS A 167 -8.92 0.18 32.95
C LYS A 167 -8.50 0.29 31.49
N PRO A 168 -8.75 1.43 30.85
CA PRO A 168 -8.29 1.62 29.47
C PRO A 168 -6.78 1.48 29.38
N CYS A 169 -6.32 0.90 28.27
CA CYS A 169 -4.91 0.64 28.05
C CYS A 169 -4.29 1.74 27.19
N ILE A 170 -2.99 1.58 26.91
CA ILE A 170 -2.26 2.60 26.16
C ILE A 170 -2.81 2.75 24.75
N MET A 171 -3.24 1.66 24.13
CA MET A 171 -3.73 1.71 22.77
C MET A 171 -5.19 2.17 22.67
N PHE A 172 -5.71 2.79 23.74
CA PHE A 172 -7.09 3.28 23.73
C PHE A 172 -7.27 4.42 22.74
N GLY A 173 -6.29 5.31 22.62
CA GLY A 173 -6.38 6.43 21.70
C GLY A 173 -7.06 7.64 22.31
N LYS A 174 -8.30 7.47 22.76
CA LYS A 174 -9.01 8.56 23.41
C LYS A 174 -8.41 8.83 24.78
N GLU A 175 -8.58 10.08 25.24
CA GLU A 175 -8.05 10.47 26.54
C GLU A 175 -8.80 9.75 27.66
N SER A 176 -8.12 9.63 28.79
CA SER A 176 -8.69 9.02 29.98
C SER A 176 -8.25 9.83 31.19
N ILE A 177 -9.08 9.82 32.24
CA ILE A 177 -8.79 10.63 33.42
C ILE A 177 -7.48 10.20 34.08
N PRO A 178 -7.25 8.92 34.39
CA PRO A 178 -5.90 8.49 34.77
C PRO A 178 -5.13 7.99 33.57
N PRO A 179 -3.94 8.52 33.31
CA PRO A 179 -3.11 7.96 32.24
C PRO A 179 -2.62 6.57 32.59
N PRO A 180 -2.93 5.57 31.77
CA PRO A 180 -2.52 4.20 32.08
C PRO A 180 -1.04 3.95 31.78
N LYS A 181 -0.61 2.74 32.14
CA LYS A 181 0.80 2.39 32.09
C LYS A 181 1.11 1.05 31.43
N GLU A 182 0.11 0.34 30.92
CA GLU A 182 0.33 -1.00 30.38
C GLU A 182 -0.43 -1.18 29.09
N PHE A 183 0.12 -2.04 28.23
CA PHE A 183 -0.55 -2.42 26.99
C PHE A 183 -1.55 -3.55 27.25
N SER A 184 -2.41 -3.78 26.28
CA SER A 184 -3.43 -4.81 26.40
C SER A 184 -2.88 -6.16 25.95
N SER A 185 -3.56 -7.23 26.39
CA SER A 185 -3.18 -8.56 25.95
C SER A 185 -3.35 -8.74 24.45
N CYS A 186 -4.24 -7.96 23.83
CA CYS A 186 -4.42 -7.97 22.39
C CYS A 186 -3.35 -7.18 21.64
N SER A 187 -2.24 -6.85 22.32
CA SER A 187 -1.12 -6.15 21.69
C SER A 187 0.14 -7.00 21.62
N TYR A 188 0.36 -7.91 22.58
CA TYR A 188 1.51 -8.80 22.50
C TYR A 188 1.46 -9.66 21.24
N ASP A 189 0.28 -10.21 20.93
CA ASP A 189 0.14 -11.03 19.73
C ASP A 189 0.35 -10.20 18.47
N GLN A 190 -0.13 -8.95 18.46
CA GLN A 190 0.10 -8.09 17.30
C GLN A 190 1.58 -7.79 17.11
N TYR A 191 2.30 -7.52 18.20
CA TYR A 191 3.74 -7.28 18.10
C TYR A 191 4.46 -8.52 17.60
N ASN A 192 4.08 -9.70 18.10
CA ASN A 192 4.68 -10.94 17.65
C ASN A 192 4.42 -11.18 16.17
N LYS A 193 3.19 -10.91 15.72
CA LYS A 193 2.87 -11.07 14.30
C LYS A 193 3.66 -10.09 13.44
N TYR A 194 3.84 -8.86 13.91
CA TYR A 194 4.68 -7.91 13.19
C TYR A 194 6.11 -8.41 13.07
N LEU A 195 6.65 -8.94 14.17
CA LEU A 195 8.01 -9.46 14.14
C LEU A 195 8.13 -10.63 13.16
N LEU A 196 7.15 -11.52 13.16
CA LEU A 196 7.22 -12.69 12.29
C LEU A 196 7.05 -12.31 10.83
N LYS A 197 6.20 -11.32 10.54
CA LYS A 197 5.89 -11.00 9.16
C LYS A 197 6.89 -10.01 8.56
N TYR A 198 6.99 -8.82 9.14
CA TYR A 198 7.80 -7.77 8.54
C TYR A 198 9.29 -7.89 8.83
N ASN A 199 9.67 -8.70 9.83
CA ASN A 199 11.07 -9.00 10.14
C ASN A 199 11.92 -7.74 10.24
N PRO A 200 11.76 -6.94 11.30
CA PRO A 200 12.51 -5.69 11.41
C PRO A 200 13.93 -5.90 11.93
N LYS A 201 14.82 -6.26 11.02
CA LYS A 201 16.21 -6.56 11.36
C LYS A 201 16.99 -5.32 11.80
N CYS A 202 16.44 -4.13 11.56
CA CYS A 202 17.20 -2.89 11.79
C CYS A 202 17.27 -2.52 13.27
N ILE A 203 16.48 -3.15 14.14
CA ILE A 203 16.46 -2.82 15.55
C ILE A 203 17.03 -3.95 16.42
N LEU A 204 17.64 -4.96 15.81
CA LEU A 204 18.20 -6.07 16.58
C LEU A 204 19.51 -5.68 17.26
N ASP A 205 20.34 -4.88 16.60
CA ASP A 205 21.66 -4.56 17.13
C ASP A 205 21.59 -3.38 18.10
N PRO A 206 22.29 -3.45 19.23
CA PRO A 206 22.31 -2.32 20.14
C PRO A 206 23.23 -1.23 19.63
N PRO A 207 22.93 0.03 19.92
CA PRO A 207 23.84 1.11 19.53
C PRO A 207 25.06 1.15 20.44
N LEU A 208 26.14 1.76 19.92
CA LEU A 208 27.36 1.90 20.69
C LEU A 208 27.13 2.79 21.91
N ARG A 209 27.82 2.45 23.01
CA ARG A 209 27.68 3.23 24.23
C ARG A 209 28.18 4.66 24.06
N LYS A 210 29.11 4.87 23.11
CA LYS A 210 29.63 6.21 22.87
C LYS A 210 28.68 7.09 22.06
N ASP A 211 27.73 6.49 21.35
CA ASP A 211 26.80 7.24 20.52
C ASP A 211 25.59 7.75 21.30
N ILE A 212 25.35 7.24 22.51
CA ILE A 212 24.17 7.66 23.27
C ILE A 212 24.34 9.09 23.74
N ALA A 213 23.31 9.90 23.50
CA ALA A 213 23.31 11.28 23.97
C ALA A 213 22.57 11.45 25.28
N SER A 214 21.70 10.50 25.63
CA SER A 214 20.97 10.58 26.88
C SER A 214 21.92 10.40 28.06
N PRO A 215 21.75 11.17 29.14
CA PRO A 215 22.60 10.96 30.32
C PRO A 215 22.39 9.59 30.93
N ALA A 216 23.45 9.06 31.53
CA ALA A 216 23.42 7.71 32.08
C ALA A 216 22.50 7.63 33.30
N VAL A 217 21.70 6.58 33.35
CA VAL A 217 20.87 6.25 34.51
C VAL A 217 20.99 4.75 34.77
N CYS A 218 21.16 4.38 36.04
CA CYS A 218 21.38 2.99 36.39
C CYS A 218 20.04 2.27 36.56
N GLY A 219 19.91 1.11 35.93
CA GLY A 219 18.74 0.28 36.07
C GLY A 219 17.78 0.27 34.90
N ASN A 220 18.14 0.85 33.77
CA ASN A 220 17.27 0.86 32.59
C ASN A 220 17.69 -0.17 31.54
N GLU A 221 18.60 -1.08 31.86
CA GLU A 221 19.09 -2.12 30.96
C GLU A 221 19.74 -1.54 29.71
N ILE A 222 20.27 -0.33 29.78
CA ILE A 222 21.01 0.29 28.70
C ILE A 222 22.38 0.69 29.24
N TRP A 223 23.43 0.32 28.51
CA TRP A 223 24.80 0.58 28.96
C TRP A 223 25.28 1.89 28.34
N GLU A 224 25.23 2.97 29.11
CA GLU A 224 25.76 4.24 28.65
C GLU A 224 27.26 4.33 28.91
N GLU A 225 27.86 5.41 28.39
CA GLU A 225 29.33 5.54 28.44
C GLU A 225 29.83 5.72 29.87
N GLY A 226 29.11 6.47 30.69
CA GLY A 226 29.61 6.86 32.00
C GLY A 226 29.58 5.78 33.06
N GLU A 227 28.95 4.64 32.80
CA GLU A 227 28.82 3.57 33.76
C GLU A 227 29.55 2.32 33.28
N GLU A 228 30.17 1.62 34.22
CA GLU A 228 30.95 0.42 33.90
C GLU A 228 30.10 -0.84 33.79
N CYS A 229 28.88 -0.83 34.33
CA CYS A 229 27.99 -1.98 34.22
C CYS A 229 26.57 -1.52 34.43
N ASP A 230 25.63 -2.20 33.75
CA ASP A 230 24.21 -1.85 33.86
C ASP A 230 23.41 -3.10 33.50
N CYS A 231 22.85 -3.75 34.52
CA CYS A 231 22.09 -4.99 34.33
C CYS A 231 20.59 -4.79 34.45
N GLY A 232 20.13 -3.63 34.87
CA GLY A 232 18.72 -3.36 35.03
C GLY A 232 18.32 -3.15 36.48
N SER A 233 17.07 -3.49 36.77
CA SER A 233 16.55 -3.32 38.11
C SER A 233 17.23 -4.30 39.07
N PRO A 234 17.44 -3.91 40.34
CA PRO A 234 18.09 -4.83 41.30
C PRO A 234 17.31 -6.12 41.52
N ALA A 235 15.99 -6.06 41.35
CA ALA A 235 15.16 -7.24 41.55
C ALA A 235 15.11 -8.15 40.33
N ASP A 236 15.78 -7.78 39.24
CA ASP A 236 15.75 -8.56 38.01
C ASP A 236 17.13 -9.05 37.60
N CYS A 237 18.21 -8.42 38.07
CA CYS A 237 19.55 -8.74 37.62
C CYS A 237 19.92 -10.17 38.04
N ARG A 238 19.96 -11.08 37.07
CA ARG A 238 20.38 -12.45 37.32
C ARG A 238 21.85 -12.68 37.01
N ASN A 239 22.56 -11.66 36.54
CA ASN A 239 23.98 -11.80 36.23
C ASN A 239 24.81 -11.60 37.51
N PRO A 240 25.56 -12.62 37.95
CA PRO A 240 26.32 -12.47 39.19
C PRO A 240 27.47 -11.48 39.12
N CYS A 241 27.85 -11.02 37.93
CA CYS A 241 29.02 -10.17 37.78
C CYS A 241 28.77 -8.72 38.17
N CYS A 242 27.53 -8.33 38.45
CA CYS A 242 27.23 -6.96 38.84
C CYS A 242 26.10 -6.94 39.85
N ASP A 243 26.03 -5.84 40.61
CA ASP A 243 24.91 -5.54 41.50
C ASP A 243 24.32 -4.22 41.07
N ALA A 244 23.01 -4.22 40.81
CA ALA A 244 22.37 -3.02 40.26
C ALA A 244 22.31 -1.89 41.26
N ALA A 245 22.10 -2.18 42.55
CA ALA A 245 22.03 -1.13 43.55
C ALA A 245 23.34 -0.36 43.63
N THR A 246 24.47 -1.07 43.62
CA THR A 246 25.76 -0.42 43.53
C THR A 246 26.04 0.06 42.11
N CYS A 247 25.47 -0.60 41.11
CA CYS A 247 25.69 -0.29 39.70
C CYS A 247 27.18 -0.33 39.35
N LYS A 248 27.88 -1.30 39.93
CA LYS A 248 29.31 -1.46 39.72
C LYS A 248 29.63 -2.95 39.60
N LEU A 249 30.79 -3.23 39.02
CA LEU A 249 31.20 -4.60 38.77
C LEU A 249 31.46 -5.34 40.08
N LYS A 250 31.09 -6.62 40.11
CA LYS A 250 31.45 -7.47 41.24
C LYS A 250 32.97 -7.62 41.30
N PRO A 251 33.56 -7.66 42.49
CA PRO A 251 35.01 -7.87 42.58
C PRO A 251 35.43 -9.16 41.91
N GLY A 252 36.52 -9.09 41.14
CA GLY A 252 37.01 -10.21 40.37
C GLY A 252 36.42 -10.34 38.99
N ALA A 253 35.40 -9.56 38.64
CA ALA A 253 34.79 -9.62 37.32
C ALA A 253 35.46 -8.63 36.38
N GLU A 254 35.36 -8.92 35.08
CA GLU A 254 35.95 -8.07 34.06
C GLU A 254 34.94 -7.52 33.06
N CYS A 255 33.67 -7.92 33.14
CA CYS A 255 32.67 -7.47 32.18
C CYS A 255 31.33 -7.30 32.88
N GLY A 256 30.48 -6.47 32.26
CA GLY A 256 29.08 -6.38 32.64
C GLY A 256 28.20 -6.93 31.54
N ASN A 257 27.37 -6.07 30.95
CA ASN A 257 26.62 -6.47 29.77
C ASN A 257 27.47 -6.30 28.51
N GLY A 258 27.12 -7.06 27.48
CA GLY A 258 27.82 -6.97 26.22
C GLY A 258 27.60 -8.20 25.39
N GLU A 259 28.16 -8.15 24.18
CA GLU A 259 28.09 -9.25 23.22
C GLU A 259 29.44 -9.93 22.99
N CYS A 260 30.50 -9.16 22.79
CA CYS A 260 31.82 -9.74 22.57
C CYS A 260 32.31 -10.51 23.80
N CYS A 261 32.09 -9.95 24.99
CA CYS A 261 32.54 -10.61 26.21
C CYS A 261 31.56 -11.71 26.60
N ASP A 262 32.12 -12.83 27.07
CA ASP A 262 31.31 -13.97 27.48
C ASP A 262 31.99 -14.68 28.63
N LYS A 263 31.18 -15.41 29.40
CA LYS A 263 31.66 -16.13 30.59
C LYS A 263 32.32 -15.18 31.59
N CYS A 264 31.85 -13.94 31.63
CA CYS A 264 32.30 -12.91 32.56
C CYS A 264 33.80 -12.63 32.43
N LYS A 265 34.36 -12.84 31.24
CA LYS A 265 35.77 -12.57 30.98
C LYS A 265 35.94 -12.22 29.51
N ILE A 266 36.85 -11.29 29.24
CA ILE A 266 37.04 -10.80 27.88
C ILE A 266 37.58 -11.93 27.00
N ARG A 267 36.90 -12.19 25.89
CA ARG A 267 37.29 -13.27 25.00
C ARG A 267 38.53 -12.88 24.19
N LYS A 268 39.18 -13.91 23.63
CA LYS A 268 40.40 -13.68 22.88
C LYS A 268 40.13 -12.91 21.60
N ALA A 269 41.13 -12.13 21.18
CA ALA A 269 41.00 -11.34 19.96
C ALA A 269 40.87 -12.25 18.74
N GLY A 270 40.05 -11.81 17.78
CA GLY A 270 39.80 -12.57 16.58
C GLY A 270 38.61 -13.49 16.63
N THR A 271 37.99 -13.67 17.80
CA THR A 271 36.81 -14.50 17.90
C THR A 271 35.57 -13.73 17.43
N GLU A 272 34.73 -14.40 16.65
CA GLU A 272 33.51 -13.78 16.15
C GLU A 272 32.57 -13.43 17.30
N CYS A 273 31.99 -12.25 17.24
CA CYS A 273 30.96 -11.91 18.22
C CYS A 273 29.63 -11.55 17.57
N ARG A 274 29.66 -10.97 16.38
CA ARG A 274 28.44 -10.62 15.65
C ARG A 274 28.35 -11.53 14.42
N PRO A 275 27.58 -12.61 14.49
CA PRO A 275 27.55 -13.56 13.37
C PRO A 275 26.78 -13.02 12.17
N ALA A 276 27.04 -13.63 11.03
CA ALA A 276 26.36 -13.24 9.79
C ALA A 276 24.90 -13.66 9.84
N ARG A 277 24.00 -12.68 9.78
CA ARG A 277 22.58 -12.95 9.81
C ARG A 277 21.94 -13.02 8.42
N ASP A 278 22.64 -12.55 7.39
CA ASP A 278 22.08 -12.50 6.05
C ASP A 278 23.20 -12.66 5.04
N ASP A 279 22.83 -12.63 3.76
CA ASP A 279 23.79 -12.82 2.69
C ASP A 279 24.83 -11.69 2.65
N CYS A 280 24.38 -10.45 2.81
CA CYS A 280 25.27 -9.30 2.79
C CYS A 280 25.63 -8.78 4.17
N ASP A 281 25.27 -9.50 5.22
CA ASP A 281 25.63 -9.10 6.59
C ASP A 281 26.95 -9.78 6.94
N VAL A 282 28.06 -9.13 6.61
CA VAL A 282 29.37 -9.69 6.91
C VAL A 282 29.60 -9.68 8.41
N ALA A 283 30.20 -10.76 8.92
CA ALA A 283 30.44 -10.88 10.35
C ALA A 283 31.59 -9.95 10.79
N GLU A 284 31.65 -9.72 12.09
CA GLU A 284 32.69 -8.87 12.68
C GLU A 284 33.37 -9.63 13.81
N HIS A 285 34.63 -9.27 14.06
CA HIS A 285 35.47 -9.95 15.04
C HIS A 285 35.84 -8.99 16.16
N CYS A 286 36.04 -9.55 17.35
CA CYS A 286 36.33 -8.75 18.54
C CYS A 286 37.65 -8.01 18.40
N THR A 287 37.70 -6.81 18.96
CA THR A 287 38.95 -6.05 18.96
C THR A 287 39.94 -6.61 19.98
N GLY A 288 39.45 -7.30 21.01
CA GLY A 288 40.30 -7.95 21.99
C GLY A 288 40.48 -7.20 23.29
N GLN A 289 40.15 -5.90 23.32
CA GLN A 289 40.31 -5.10 24.54
C GLN A 289 39.05 -4.30 24.85
N SER A 290 37.89 -4.81 24.46
CA SER A 290 36.63 -4.13 24.73
C SER A 290 35.50 -5.15 24.76
N ALA A 291 34.56 -4.93 25.68
CA ALA A 291 33.39 -5.80 25.77
C ALA A 291 32.39 -5.55 24.65
N GLU A 292 32.35 -4.33 24.11
CA GLU A 292 31.43 -4.03 23.01
C GLU A 292 31.95 -4.60 21.71
N CYS A 293 31.03 -5.04 20.85
CA CYS A 293 31.40 -5.49 19.52
C CYS A 293 31.66 -4.28 18.63
N PRO A 294 32.42 -4.44 17.56
CA PRO A 294 32.62 -3.32 16.62
C PRO A 294 31.33 -2.99 15.90
N ARG A 295 31.29 -1.78 15.35
CA ARG A 295 30.08 -1.28 14.70
C ARG A 295 29.66 -2.21 13.57
N ASN A 296 28.36 -2.47 13.49
CA ASN A 296 27.84 -3.40 12.51
C ASN A 296 28.03 -2.85 11.10
N GLU A 297 28.58 -3.68 10.21
CA GLU A 297 28.82 -3.30 8.83
C GLU A 297 28.31 -4.39 7.91
N PHE A 298 28.11 -4.03 6.64
CA PHE A 298 27.58 -4.94 5.65
C PHE A 298 28.46 -4.89 4.40
N GLN A 299 28.23 -5.85 3.50
CA GLN A 299 28.97 -5.86 2.25
C GLN A 299 28.57 -4.68 1.38
N ARG A 300 29.38 -4.40 0.37
CA ARG A 300 29.14 -3.27 -0.52
C ARG A 300 27.77 -3.39 -1.16
N ASN A 301 27.03 -2.28 -1.17
CA ASN A 301 25.72 -2.26 -1.80
C ASN A 301 25.86 -2.48 -3.29
N GLY A 302 25.04 -3.40 -3.82
CA GLY A 302 25.14 -3.80 -5.21
C GLY A 302 25.54 -5.23 -5.44
N GLN A 303 25.81 -5.99 -4.38
CA GLN A 303 26.12 -7.40 -4.55
C GLN A 303 24.84 -8.21 -4.75
N PRO A 304 24.88 -9.28 -5.54
CA PRO A 304 23.69 -10.13 -5.68
C PRO A 304 23.31 -10.79 -4.37
N CYS A 305 22.02 -11.04 -4.21
CA CYS A 305 21.50 -11.64 -2.99
C CYS A 305 20.25 -12.45 -3.30
N LEU A 306 19.97 -13.43 -2.43
CA LEU A 306 18.80 -14.29 -2.53
C LEU A 306 18.69 -14.93 -3.91
N ASN A 307 19.72 -15.71 -4.24
CA ASN A 307 19.78 -16.46 -5.50
C ASN A 307 19.65 -15.53 -6.70
N ASN A 308 20.42 -14.45 -6.67
CA ASN A 308 20.51 -13.46 -7.75
C ASN A 308 19.19 -12.75 -8.02
N SER A 309 18.23 -12.81 -7.09
CA SER A 309 16.94 -12.18 -7.31
C SER A 309 16.97 -10.67 -7.05
N GLY A 310 17.97 -10.17 -6.34
CA GLY A 310 18.02 -8.76 -6.01
C GLY A 310 19.42 -8.29 -5.69
N TYR A 311 19.52 -6.99 -5.41
CA TYR A 311 20.77 -6.36 -5.02
C TYR A 311 20.67 -5.85 -3.59
N CYS A 312 21.75 -5.99 -2.83
CA CYS A 312 21.76 -5.50 -1.46
C CYS A 312 21.87 -3.99 -1.41
N TYR A 313 21.13 -3.38 -0.49
CA TYR A 313 21.14 -1.93 -0.29
C TYR A 313 21.16 -1.66 1.21
N ASN A 314 22.33 -1.27 1.71
CA ASN A 314 22.54 -0.98 3.13
C ASN A 314 22.11 -2.14 4.01
N GLY A 315 22.65 -3.32 3.70
CA GLY A 315 22.43 -4.50 4.52
C GLY A 315 21.10 -5.19 4.33
N ASP A 316 20.31 -4.78 3.35
CA ASP A 316 19.02 -5.40 3.09
C ASP A 316 18.94 -5.83 1.64
N CYS A 317 18.16 -6.88 1.39
CA CYS A 317 17.97 -7.42 0.05
C CYS A 317 16.53 -7.22 -0.39
N PRO A 318 16.17 -6.03 -0.88
CA PRO A 318 14.77 -5.78 -1.25
C PRO A 318 14.44 -6.36 -2.61
N ILE A 319 13.29 -7.02 -2.71
CA ILE A 319 12.77 -7.54 -3.97
C ILE A 319 11.27 -7.26 -4.00
N MET A 320 10.76 -7.04 -5.21
CA MET A 320 9.33 -6.73 -5.36
C MET A 320 8.46 -7.88 -4.89
N LEU A 321 8.94 -9.11 -5.00
CA LEU A 321 8.15 -10.26 -4.55
C LEU A 321 7.92 -10.20 -3.05
N ASN A 322 8.97 -9.90 -2.28
CA ASN A 322 8.81 -9.80 -0.82
C ASN A 322 7.88 -8.67 -0.44
N GLN A 323 7.98 -7.54 -1.14
CA GLN A 323 7.08 -6.42 -0.86
C GLN A 323 5.63 -6.80 -1.16
N CYS A 324 5.40 -7.52 -2.26
CA CYS A 324 4.05 -7.99 -2.57
C CYS A 324 3.54 -8.96 -1.51
N ILE A 325 4.41 -9.85 -1.02
CA ILE A 325 4.02 -10.75 0.06
C ILE A 325 3.62 -9.96 1.30
N ALA A 326 4.41 -8.94 1.65
CA ALA A 326 4.12 -8.14 2.84
C ALA A 326 2.81 -7.37 2.69
N LEU A 327 2.56 -6.80 1.50
CA LEU A 327 1.42 -5.90 1.33
C LEU A 327 0.10 -6.66 1.36
N PHE A 328 -0.01 -7.75 0.61
CA PHE A 328 -1.31 -8.36 0.31
C PHE A 328 -1.49 -9.72 0.97
N SER A 329 -0.61 -10.69 0.68
CA SER A 329 -0.88 -12.07 1.05
C SER A 329 0.41 -12.87 0.98
N PRO A 330 0.52 -13.98 1.72
CA PRO A 330 1.71 -14.83 1.62
C PRO A 330 1.89 -15.45 0.24
N SER A 331 0.83 -15.43 -0.58
CA SER A 331 0.89 -16.01 -1.92
C SER A 331 0.86 -14.96 -3.02
N ALA A 332 1.12 -13.70 -2.70
CA ALA A 332 1.10 -12.65 -3.71
C ALA A 332 2.29 -12.79 -4.65
N THR A 333 2.20 -12.12 -5.79
CA THR A 333 3.28 -12.14 -6.78
C THR A 333 3.26 -10.82 -7.54
N VAL A 334 4.44 -10.38 -7.98
CA VAL A 334 4.53 -9.16 -8.75
C VAL A 334 3.70 -9.28 -10.03
N ALA A 335 2.94 -8.24 -10.33
CA ALA A 335 2.00 -8.30 -11.45
C ALA A 335 2.75 -8.21 -12.78
N GLN A 336 2.01 -8.44 -13.86
CA GLN A 336 2.58 -8.42 -15.20
C GLN A 336 3.06 -7.03 -15.57
N ASP A 337 3.98 -6.97 -16.54
CA ASP A 337 4.60 -5.70 -16.91
C ASP A 337 3.60 -4.72 -17.51
N SER A 338 2.47 -5.21 -18.00
CA SER A 338 1.49 -4.33 -18.64
C SER A 338 0.92 -3.33 -17.63
N CYS A 339 0.65 -3.77 -16.40
CA CYS A 339 -0.01 -2.92 -15.43
C CYS A 339 0.88 -1.77 -14.98
N PHE A 340 2.20 -1.96 -14.98
CA PHE A 340 3.10 -0.89 -14.59
C PHE A 340 3.07 0.28 -15.56
N GLN A 341 2.48 0.10 -16.75
CA GLN A 341 2.31 1.21 -17.67
C GLN A 341 1.30 2.22 -17.16
N ARG A 342 0.44 1.81 -16.21
CA ARG A 342 -0.55 2.72 -15.65
C ARG A 342 0.09 3.91 -14.94
N ASN A 343 1.35 3.78 -14.51
CA ASN A 343 2.05 4.89 -13.86
C ASN A 343 2.34 6.03 -14.83
N LEU A 344 2.21 5.80 -16.13
CA LEU A 344 2.38 6.87 -17.10
C LEU A 344 1.23 7.86 -17.08
N GLN A 345 0.06 7.45 -16.59
CA GLN A 345 -1.12 8.32 -16.58
C GLN A 345 -0.96 9.49 -15.62
N GLY A 346 -0.26 9.29 -14.50
CA GLY A 346 -0.26 10.30 -13.45
C GLY A 346 -1.60 10.42 -12.78
N SER A 347 -2.29 9.30 -12.58
CA SER A 347 -3.61 9.31 -11.96
C SER A 347 -3.48 9.53 -10.45
N TYR A 348 -4.62 9.44 -9.75
CA TYR A 348 -4.62 9.73 -8.32
C TYR A 348 -3.88 8.66 -7.54
N TYR A 349 -3.71 7.46 -8.09
CA TYR A 349 -2.92 6.43 -7.43
C TYR A 349 -1.58 6.18 -8.11
N GLY A 350 -1.53 6.26 -9.44
CA GLY A 350 -0.32 5.94 -10.18
C GLY A 350 0.57 7.14 -10.45
N TYR A 351 1.74 7.16 -9.83
CA TYR A 351 2.66 8.28 -9.97
C TYR A 351 4.03 7.85 -9.45
N CYS A 352 5.00 8.75 -9.61
CA CYS A 352 6.33 8.58 -9.05
C CYS A 352 6.62 9.57 -7.93
N THR A 353 6.43 10.86 -8.18
CA THR A 353 6.56 11.88 -7.16
C THR A 353 5.36 12.81 -7.23
N LYS A 354 4.95 13.32 -6.07
CA LYS A 354 3.79 14.18 -5.99
C LYS A 354 4.03 15.27 -4.94
N GLU A 355 3.32 16.38 -5.11
CA GLU A 355 3.39 17.45 -4.12
C GLU A 355 2.63 17.05 -2.85
N ILE A 356 3.09 17.60 -1.72
CA ILE A 356 2.50 17.24 -0.43
C ILE A 356 1.09 17.80 -0.34
N GLY A 357 0.16 16.95 0.11
CA GLY A 357 -1.23 17.35 0.30
C GLY A 357 -2.19 16.34 -0.28
N TYR A 358 -3.46 16.50 0.13
CA TYR A 358 -4.52 15.69 -0.44
C TYR A 358 -4.64 15.94 -1.95
N TYR A 359 -4.59 17.21 -2.33
CA TYR A 359 -4.41 17.57 -3.74
C TYR A 359 -2.93 17.75 -4.03
N GLY A 360 -2.59 17.76 -5.32
CA GLY A 360 -1.21 17.94 -5.70
C GLY A 360 -0.90 17.49 -7.11
N LYS A 361 0.09 18.12 -7.74
CA LYS A 361 0.50 17.76 -9.10
C LYS A 361 1.24 16.44 -9.05
N ARG A 362 0.54 15.34 -9.38
CA ARG A 362 1.14 14.02 -9.35
C ARG A 362 1.91 13.82 -10.67
N PHE A 363 3.23 13.83 -10.58
CA PHE A 363 4.06 13.76 -11.77
C PHE A 363 3.97 12.37 -12.40
N PRO A 364 3.70 12.27 -13.70
CA PRO A 364 3.72 10.95 -14.35
C PRO A 364 5.13 10.41 -14.45
N CYS A 365 5.24 9.09 -14.33
CA CYS A 365 6.55 8.44 -14.37
C CYS A 365 7.11 8.43 -15.80
N ALA A 366 8.43 8.30 -15.88
CA ALA A 366 9.09 8.13 -17.16
C ALA A 366 8.78 6.76 -17.74
N PRO A 367 8.85 6.60 -19.06
CA PRO A 367 8.54 5.29 -19.66
C PRO A 367 9.46 4.17 -19.17
N GLN A 368 10.74 4.45 -18.91
CA GLN A 368 11.62 3.43 -18.37
C GLN A 368 11.56 3.33 -16.85
N ASP A 369 10.99 4.33 -16.18
CA ASP A 369 10.88 4.35 -14.73
C ASP A 369 9.52 3.85 -14.23
N VAL A 370 8.73 3.21 -15.10
CA VAL A 370 7.38 2.80 -14.71
C VAL A 370 7.41 1.80 -13.57
N LYS A 371 8.47 0.99 -13.45
CA LYS A 371 8.54 -0.03 -12.42
C LYS A 371 9.09 0.48 -11.10
N CYS A 372 9.48 1.76 -11.01
CA CYS A 372 9.93 2.35 -9.76
C CYS A 372 8.87 3.19 -9.08
N GLY A 373 7.65 3.22 -9.61
CA GLY A 373 6.56 3.94 -8.96
C GLY A 373 5.74 3.05 -8.06
N ARG A 374 4.44 2.97 -8.31
CA ARG A 374 3.58 2.10 -7.52
C ARG A 374 3.93 0.63 -7.78
N LEU A 375 3.61 -0.21 -6.80
CA LEU A 375 3.81 -1.65 -6.89
C LEU A 375 2.47 -2.33 -7.07
N TYR A 376 2.30 -3.06 -8.17
CA TYR A 376 1.10 -3.81 -8.47
C TYR A 376 1.36 -5.29 -8.23
N CYS A 377 0.50 -5.93 -7.45
CA CYS A 377 0.68 -7.32 -7.07
C CYS A 377 -0.56 -8.13 -7.41
N LEU A 378 -0.36 -9.27 -8.06
CA LEU A 378 -1.45 -10.16 -8.42
C LEU A 378 -1.87 -10.97 -7.20
N ASP A 379 -3.17 -11.03 -6.96
CA ASP A 379 -3.71 -11.80 -5.84
C ASP A 379 -5.13 -12.20 -6.16
N ASN A 380 -5.40 -13.49 -6.24
CA ASN A 380 -6.72 -14.01 -6.58
C ASN A 380 -7.50 -14.49 -5.37
N SER A 381 -7.04 -14.18 -4.15
CA SER A 381 -7.72 -14.67 -2.95
C SER A 381 -8.95 -13.84 -2.63
N PHE A 382 -8.79 -12.52 -2.53
CA PHE A 382 -9.91 -11.67 -2.15
C PHE A 382 -10.98 -11.66 -3.22
N LYS A 383 -10.65 -11.18 -4.42
CA LYS A 383 -11.59 -11.14 -5.52
C LYS A 383 -10.82 -11.21 -6.83
N LYS A 384 -11.42 -11.88 -7.82
CA LYS A 384 -10.76 -12.16 -9.09
C LYS A 384 -10.75 -10.96 -10.04
N ASN A 385 -11.55 -9.92 -9.76
CA ASN A 385 -11.39 -8.68 -10.48
C ASN A 385 -10.12 -7.97 -10.02
N MET A 386 -9.76 -6.91 -10.75
CA MET A 386 -8.55 -6.15 -10.44
C MET A 386 -7.33 -7.06 -10.42
N ARG A 387 -6.95 -7.57 -11.60
CA ARG A 387 -5.81 -8.50 -11.68
CA ARG A 387 -5.82 -8.49 -11.69
C ARG A 387 -4.55 -7.89 -11.11
N CYS A 388 -4.43 -6.56 -11.11
CA CYS A 388 -3.26 -5.86 -10.60
C CYS A 388 -3.70 -4.99 -9.43
N LYS A 389 -3.75 -5.58 -8.24
CA LYS A 389 -4.14 -4.83 -7.05
C LYS A 389 -2.99 -3.97 -6.56
N ASN A 390 -3.35 -2.83 -5.97
CA ASN A 390 -2.37 -1.95 -5.33
C ASN A 390 -2.96 -1.40 -4.04
N ASP A 391 -2.08 -0.98 -3.14
CA ASP A 391 -2.46 -0.43 -1.85
C ASP A 391 -2.15 1.06 -1.83
N TYR A 392 -3.16 1.88 -1.59
CA TYR A 392 -2.99 3.32 -1.59
C TYR A 392 -4.03 3.95 -0.69
N SER A 393 -3.59 4.88 0.17
CA SER A 393 -4.48 5.65 1.02
C SER A 393 -3.83 7.00 1.26
N TYR A 394 -4.67 8.03 1.38
CA TYR A 394 -4.15 9.39 1.54
C TYR A 394 -3.42 9.57 2.87
N ALA A 395 -3.68 8.72 3.86
CA ALA A 395 -2.97 8.82 5.14
C ALA A 395 -1.55 8.29 5.02
N ASP A 396 -1.35 7.19 4.29
CA ASP A 396 -0.08 6.49 4.22
C ASP A 396 0.31 6.20 2.78
N GLU A 397 0.23 7.22 1.93
CA GLU A 397 0.51 7.14 0.50
C GLU A 397 1.79 6.38 0.16
N ASN A 398 2.84 6.58 0.94
CA ASN A 398 4.14 5.99 0.63
C ASN A 398 4.10 4.46 0.65
N LYS A 399 3.24 3.85 1.46
CA LYS A 399 3.12 2.41 1.47
C LYS A 399 2.53 1.93 0.15
N GLY A 400 3.19 0.95 -0.47
CA GLY A 400 2.83 0.49 -1.79
C GLY A 400 3.76 0.95 -2.89
N ILE A 401 4.63 1.90 -2.61
CA ILE A 401 5.67 2.32 -3.54
C ILE A 401 6.90 1.46 -3.30
N VAL A 402 7.59 1.09 -4.38
CA VAL A 402 8.75 0.21 -4.27
C VAL A 402 9.82 0.89 -3.41
N GLU A 403 10.44 0.10 -2.53
CA GLU A 403 11.49 0.62 -1.68
C GLU A 403 12.74 0.89 -2.51
N PRO A 404 13.55 1.88 -2.11
CA PRO A 404 14.80 2.15 -2.82
C PRO A 404 15.73 0.94 -2.78
N GLY A 405 16.45 0.73 -3.88
CA GLY A 405 17.35 -0.40 -4.00
C GLY A 405 16.74 -1.64 -4.61
N THR A 406 15.43 -1.67 -4.82
CA THR A 406 14.80 -2.83 -5.47
C THR A 406 15.24 -2.89 -6.93
N LYS A 407 15.23 -4.11 -7.47
CA LYS A 407 15.76 -4.35 -8.81
C LYS A 407 14.65 -4.09 -9.84
N CYS A 408 14.73 -2.93 -10.51
CA CYS A 408 13.80 -2.65 -11.59
C CYS A 408 14.09 -3.51 -12.81
N GLU A 409 15.36 -3.69 -13.14
CA GLU A 409 15.76 -4.49 -14.29
C GLU A 409 17.16 -5.04 -14.03
N ASP A 410 17.56 -5.99 -14.88
CA ASP A 410 18.88 -6.58 -14.75
C ASP A 410 19.96 -5.51 -14.86
N GLY A 411 20.77 -5.39 -13.81
CA GLY A 411 21.81 -4.39 -13.77
C GLY A 411 21.37 -3.00 -13.34
N LYS A 412 20.11 -2.82 -12.97
CA LYS A 412 19.59 -1.52 -12.57
C LYS A 412 18.71 -1.66 -11.34
N VAL A 413 18.71 -0.63 -10.50
CA VAL A 413 17.88 -0.58 -9.31
C VAL A 413 17.20 0.80 -9.22
N CYS A 414 16.10 0.84 -8.48
CA CYS A 414 15.34 2.08 -8.31
C CYS A 414 15.98 2.92 -7.21
N ILE A 415 16.67 3.99 -7.61
CA ILE A 415 17.27 4.94 -6.68
C ILE A 415 16.62 6.30 -6.90
N ASN A 416 16.02 6.84 -5.84
CA ASN A 416 15.31 8.11 -5.89
C ASN A 416 14.22 8.06 -6.97
N ARG A 417 13.40 7.01 -6.91
CA ARG A 417 12.26 6.81 -7.81
C ARG A 417 12.67 6.74 -9.28
N LYS A 418 13.91 6.35 -9.56
CA LYS A 418 14.38 6.23 -10.93
C LYS A 418 15.16 4.94 -11.09
N CYS A 419 14.91 4.24 -12.20
CA CYS A 419 15.64 3.02 -12.52
C CYS A 419 16.98 3.40 -13.14
N VAL A 420 18.05 3.24 -12.37
CA VAL A 420 19.38 3.70 -12.77
C VAL A 420 20.35 2.53 -12.68
N ASP A 421 21.43 2.61 -13.44
CA ASP A 421 22.39 1.51 -13.55
C ASP A 421 23.11 1.27 -12.23
N VAL A 422 23.32 0.00 -11.91
CA VAL A 422 24.05 -0.37 -10.70
C VAL A 422 25.55 -0.20 -10.94
N ASN A 423 26.26 0.19 -9.88
CA ASN A 423 27.71 0.37 -9.93
C ASN A 423 28.10 1.45 -10.93
N THR A 424 27.37 2.56 -10.91
CA THR A 424 27.64 3.67 -11.80
C THR A 424 28.94 4.38 -11.43
N UNK B 1 -6.57 1.20 9.24
CA UNK B 1 -7.27 2.16 10.08
C UNK B 1 -6.59 3.52 10.05
N UNK B 2 -7.32 4.56 10.43
CA UNK B 2 -6.75 5.90 10.46
C UNK B 2 -5.69 6.01 11.55
N UNK B 3 -4.57 6.64 11.20
CA UNK B 3 -3.46 6.76 12.13
C UNK B 3 -3.70 7.87 13.16
N UNK B 4 -4.65 8.76 12.90
CA UNK B 4 -4.94 9.83 13.85
C UNK B 4 -5.53 9.28 15.14
N UNK B 5 -5.26 9.98 16.24
CA UNK B 5 -5.74 9.58 17.55
C UNK B 5 -6.34 10.78 18.26
N UNK B 6 -7.26 10.49 19.19
CA UNK B 6 -7.97 11.51 19.97
C UNK B 6 -8.73 12.49 19.07
N UNK B 7 -9.27 12.00 17.97
CA UNK B 7 -10.03 12.83 17.04
C UNK B 7 -11.41 13.14 17.59
N GLN C 1 -10.83 13.81 -21.50
CA GLN C 1 -11.51 12.59 -21.06
C GLN C 1 -11.17 11.43 -22.00
N VAL C 2 -11.60 10.22 -21.60
CA VAL C 2 -11.35 9.05 -22.42
C VAL C 2 -12.25 9.09 -23.65
N GLN C 3 -11.64 8.94 -24.82
CA GLN C 3 -12.37 9.02 -26.09
C GLN C 3 -11.94 7.86 -26.99
N LEU C 4 -12.93 7.24 -27.63
CA LEU C 4 -12.70 6.15 -28.57
C LEU C 4 -13.43 6.48 -29.86
N VAL C 5 -12.70 6.43 -30.98
CA VAL C 5 -13.27 6.72 -32.29
C VAL C 5 -12.90 5.59 -33.24
N GLN C 6 -13.86 5.15 -34.05
CA GLN C 6 -13.68 4.02 -34.96
C GLN C 6 -13.88 4.46 -36.39
N SER C 7 -13.54 3.57 -37.31
CA SER C 7 -13.60 3.85 -38.74
C SER C 7 -15.04 3.81 -39.23
N GLY C 8 -15.25 4.31 -40.45
CA GLY C 8 -16.56 4.38 -41.05
C GLY C 8 -17.17 3.03 -41.36
N ALA C 9 -18.46 3.01 -41.67
CA ALA C 9 -19.15 1.77 -41.98
C ALA C 9 -18.61 1.17 -43.29
N GLU C 10 -18.70 -0.16 -43.38
CA GLU C 10 -18.20 -0.90 -44.53
C GLU C 10 -19.27 -1.87 -45.02
N VAL C 11 -19.28 -2.10 -46.33
CA VAL C 11 -20.16 -3.07 -46.97
C VAL C 11 -19.28 -4.10 -47.66
N LYS C 12 -19.46 -5.37 -47.29
CA LYS C 12 -18.63 -6.46 -47.79
C LYS C 12 -19.53 -7.59 -48.28
N LYS C 13 -19.26 -8.09 -49.48
CA LYS C 13 -19.95 -9.27 -49.96
C LYS C 13 -19.48 -10.50 -49.18
N PRO C 14 -20.32 -11.54 -49.08
CA PRO C 14 -19.94 -12.72 -48.28
C PRO C 14 -18.66 -13.36 -48.79
N GLY C 15 -17.87 -13.88 -47.85
CA GLY C 15 -16.61 -14.51 -48.18
C GLY C 15 -15.38 -13.63 -48.07
N ALA C 16 -15.55 -12.32 -47.99
CA ALA C 16 -14.42 -11.41 -47.86
C ALA C 16 -14.03 -11.27 -46.39
N SER C 17 -13.04 -10.39 -46.15
CA SER C 17 -12.56 -10.12 -44.81
C SER C 17 -12.75 -8.64 -44.49
N VAL C 18 -12.99 -8.35 -43.22
CA VAL C 18 -13.23 -6.99 -42.74
C VAL C 18 -12.25 -6.68 -41.62
N LYS C 19 -11.67 -5.47 -41.68
CA LYS C 19 -10.73 -5.01 -40.66
C LYS C 19 -11.18 -3.64 -40.17
N VAL C 20 -11.43 -3.52 -38.87
CA VAL C 20 -11.87 -2.28 -38.27
C VAL C 20 -10.80 -1.81 -37.29
N SER C 21 -10.70 -0.49 -37.15
CA SER C 21 -9.72 0.13 -36.28
C SER C 21 -10.43 0.96 -35.20
N CYS C 22 -9.80 1.05 -34.04
CA CYS C 22 -10.32 1.82 -32.92
C CYS C 22 -9.20 2.65 -32.34
N LYS C 23 -9.35 3.97 -32.34
CA LYS C 23 -8.34 4.89 -31.87
C LYS C 23 -8.65 5.29 -30.43
N ALA C 24 -7.64 5.18 -29.56
CA ALA C 24 -7.78 5.51 -28.15
C ALA C 24 -6.98 6.75 -27.83
N SER C 25 -7.56 7.63 -27.01
CA SER C 25 -6.91 8.88 -26.63
C SER C 25 -7.35 9.26 -25.22
N GLY C 26 -6.55 10.10 -24.58
CA GLY C 26 -6.82 10.55 -23.23
C GLY C 26 -6.36 9.61 -22.14
N TYR C 27 -5.73 8.50 -22.48
CA TYR C 27 -5.25 7.55 -21.49
C TYR C 27 -4.16 6.69 -22.12
N THR C 28 -3.42 5.98 -21.27
CA THR C 28 -2.35 5.09 -21.73
C THR C 28 -2.98 3.87 -22.37
N PHE C 29 -2.78 3.72 -23.69
CA PHE C 29 -3.40 2.64 -24.43
C PHE C 29 -2.92 1.27 -23.95
N THR C 30 -1.65 1.17 -23.56
CA THR C 30 -1.06 -0.11 -23.22
C THR C 30 -1.51 -0.61 -21.85
N GLY C 31 -2.09 0.25 -21.01
CA GLY C 31 -2.38 -0.14 -19.64
C GLY C 31 -3.69 -0.89 -19.45
N TYR C 32 -4.58 -0.87 -20.44
CA TYR C 32 -5.91 -1.44 -20.26
C TYR C 32 -6.23 -2.39 -21.40
N TYR C 33 -6.81 -3.54 -21.05
CA TYR C 33 -7.26 -4.50 -22.05
C TYR C 33 -8.38 -3.90 -22.90
N MET C 34 -8.33 -4.17 -24.20
CA MET C 34 -9.33 -3.67 -25.14
C MET C 34 -10.22 -4.82 -25.58
N HIS C 35 -11.45 -4.85 -25.07
CA HIS C 35 -12.43 -5.86 -25.44
C HIS C 35 -13.18 -5.42 -26.68
N TRP C 36 -13.84 -6.38 -27.34
CA TRP C 36 -14.66 -6.10 -28.51
C TRP C 36 -16.05 -6.67 -28.29
N VAL C 37 -17.07 -5.89 -28.64
CA VAL C 37 -18.46 -6.27 -28.49
C VAL C 37 -19.17 -6.11 -29.82
N ARG C 38 -19.96 -7.11 -30.19
CA ARG C 38 -20.63 -7.16 -31.48
C ARG C 38 -22.13 -7.25 -31.25
N GLN C 39 -22.89 -6.39 -31.93
CA GLN C 39 -24.34 -6.31 -31.74
C GLN C 39 -25.03 -6.38 -33.08
N ALA C 40 -25.76 -7.47 -33.31
CA ALA C 40 -26.62 -7.56 -34.48
C ALA C 40 -27.80 -6.58 -34.32
N PRO C 41 -28.33 -6.04 -35.42
CA PRO C 41 -29.44 -5.09 -35.30
C PRO C 41 -30.69 -5.78 -34.76
N GLY C 42 -31.22 -5.23 -33.67
CA GLY C 42 -32.41 -5.77 -33.05
C GLY C 42 -32.18 -6.94 -32.12
N GLN C 43 -30.93 -7.38 -31.95
CA GLN C 43 -30.61 -8.51 -31.10
C GLN C 43 -29.81 -8.05 -29.88
N GLY C 44 -29.40 -9.02 -29.08
CA GLY C 44 -28.60 -8.75 -27.91
C GLY C 44 -27.15 -8.51 -28.25
N LEU C 45 -26.35 -8.31 -27.21
CA LEU C 45 -24.92 -8.06 -27.34
C LEU C 45 -24.16 -9.37 -27.34
N GLU C 46 -23.16 -9.46 -28.22
CA GLU C 46 -22.25 -10.60 -28.26
C GLU C 46 -20.85 -10.15 -27.88
N TRP C 47 -20.12 -11.04 -27.21
CA TRP C 47 -18.78 -10.73 -26.76
C TRP C 47 -17.73 -11.31 -27.70
N MET C 48 -16.63 -10.57 -27.85
CA MET C 48 -15.47 -11.04 -28.59
C MET C 48 -14.25 -10.82 -27.73
N GLY C 49 -13.18 -11.54 -28.04
CA GLY C 49 -12.03 -11.62 -27.17
C GLY C 49 -11.29 -10.30 -27.01
N TRP C 50 -10.43 -10.26 -26.00
CA TRP C 50 -9.67 -9.07 -25.66
C TRP C 50 -8.26 -9.17 -26.22
N ILE C 51 -7.64 -8.01 -26.41
CA ILE C 51 -6.26 -7.90 -26.86
C ILE C 51 -5.46 -7.11 -25.83
N ASN C 52 -4.30 -7.63 -25.47
CA ASN C 52 -3.44 -6.93 -24.52
C ASN C 52 -2.56 -5.94 -25.29
N PRO C 53 -2.77 -4.63 -25.10
CA PRO C 53 -2.03 -3.65 -25.91
C PRO C 53 -0.55 -3.55 -25.57
N ASN C 54 -0.07 -4.18 -24.49
CA ASN C 54 1.34 -4.11 -24.17
C ASN C 54 2.11 -5.29 -24.75
N SER C 55 1.66 -6.52 -24.48
CA SER C 55 2.37 -7.71 -24.94
C SER C 55 1.82 -8.25 -26.25
N GLY C 56 0.59 -7.89 -26.62
CA GLY C 56 -0.01 -8.40 -27.84
C GLY C 56 -0.72 -9.72 -27.70
N GLY C 57 -0.69 -10.35 -26.53
CA GLY C 57 -1.41 -11.59 -26.34
C GLY C 57 -2.92 -11.39 -26.43
N THR C 58 -3.60 -12.37 -27.01
CA THR C 58 -5.02 -12.26 -27.27
C THR C 58 -5.73 -13.53 -26.84
N ASN C 59 -6.98 -13.36 -26.40
CA ASN C 59 -7.89 -14.46 -26.13
C ASN C 59 -9.09 -14.31 -27.05
N TYR C 60 -9.72 -15.44 -27.39
CA TYR C 60 -10.87 -15.44 -28.29
C TYR C 60 -12.00 -16.25 -27.69
N ALA C 61 -13.23 -15.83 -27.95
CA ALA C 61 -14.39 -16.59 -27.53
C ALA C 61 -14.49 -17.89 -28.33
N GLN C 62 -15.17 -18.87 -27.75
CA GLN C 62 -15.29 -20.18 -28.40
C GLN C 62 -15.99 -20.08 -29.75
N LYS C 63 -16.84 -19.06 -29.92
CA LYS C 63 -17.57 -18.91 -31.18
C LYS C 63 -16.70 -18.30 -32.28
N PHE C 64 -15.55 -17.72 -31.94
CA PHE C 64 -14.74 -17.00 -32.90
C PHE C 64 -13.28 -17.40 -32.94
N GLN C 65 -12.91 -18.54 -32.33
CA GLN C 65 -11.49 -18.92 -32.27
C GLN C 65 -10.89 -19.09 -33.66
N GLY C 66 -11.66 -19.64 -34.61
CA GLY C 66 -11.17 -19.85 -35.94
C GLY C 66 -11.41 -18.73 -36.93
N ARG C 67 -11.86 -17.57 -36.47
CA ARG C 67 -12.24 -16.48 -37.37
C ARG C 67 -11.49 -15.18 -37.13
N VAL C 68 -11.26 -14.79 -35.88
CA VAL C 68 -10.79 -13.44 -35.59
C VAL C 68 -9.29 -13.46 -35.29
N THR C 69 -8.60 -12.44 -35.80
CA THR C 69 -7.22 -12.17 -35.45
C THR C 69 -7.12 -10.70 -35.08
N MET C 70 -6.44 -10.42 -33.96
CA MET C 70 -6.39 -9.08 -33.40
C MET C 70 -4.95 -8.59 -33.34
N THR C 71 -4.75 -7.35 -33.80
CA THR C 71 -3.42 -6.75 -33.87
C THR C 71 -3.46 -5.36 -33.27
N ARG C 72 -2.30 -4.90 -32.80
CA ARG C 72 -2.17 -3.63 -32.12
C ARG C 72 -1.14 -2.76 -32.82
N ASP C 73 -1.16 -1.46 -32.52
CA ASP C 73 -0.15 -0.52 -32.99
C ASP C 73 0.07 0.49 -31.86
N THR C 74 1.08 0.22 -31.02
CA THR C 74 1.35 1.07 -29.86
C THR C 74 1.78 2.47 -30.24
N SER C 75 2.63 2.62 -31.27
CA SER C 75 3.11 3.93 -31.66
C SER C 75 2.01 4.83 -32.19
N ILE C 76 0.86 4.25 -32.57
CA ILE C 76 -0.29 5.02 -33.04
C ILE C 76 -1.46 4.95 -32.06
N SER C 77 -1.44 4.01 -31.12
CA SER C 77 -2.50 3.83 -30.12
C SER C 77 -3.82 3.46 -30.79
N THR C 78 -3.76 2.47 -31.68
CA THR C 78 -4.93 1.92 -32.35
C THR C 78 -4.95 0.41 -32.20
N ALA C 79 -6.15 -0.15 -32.14
CA ALA C 79 -6.35 -1.59 -32.09
C ALA C 79 -7.10 -2.04 -33.33
N TYR C 80 -6.79 -3.25 -33.79
CA TYR C 80 -7.39 -3.80 -35.01
C TYR C 80 -8.01 -5.15 -34.72
N MET C 81 -9.14 -5.41 -35.37
CA MET C 81 -9.81 -6.71 -35.31
C MET C 81 -10.14 -7.12 -36.74
N GLU C 82 -9.75 -8.35 -37.11
CA GLU C 82 -9.97 -8.88 -38.45
C GLU C 82 -10.92 -10.07 -38.37
N LEU C 83 -11.95 -10.06 -39.21
CA LEU C 83 -12.92 -11.14 -39.29
C LEU C 83 -12.97 -11.64 -40.73
N SER C 84 -12.49 -12.86 -40.94
CA SER C 84 -12.36 -13.43 -42.27
C SER C 84 -13.57 -14.30 -42.62
N ARG C 85 -13.71 -14.58 -43.91
CA ARG C 85 -14.80 -15.40 -44.47
C ARG C 85 -16.15 -15.03 -43.85
N LEU C 86 -16.54 -13.78 -44.13
CA LEU C 86 -17.78 -13.24 -43.60
C LEU C 86 -18.98 -14.04 -44.08
N ARG C 87 -19.98 -14.15 -43.21
CA ARG C 87 -21.23 -14.83 -43.51
C ARG C 87 -22.38 -13.87 -43.28
N SER C 88 -23.53 -14.17 -43.91
CA SER C 88 -24.68 -13.28 -43.83
C SER C 88 -25.17 -13.07 -42.41
N ASP C 89 -24.83 -13.97 -41.48
CA ASP C 89 -25.19 -13.79 -40.08
C ASP C 89 -24.43 -12.62 -39.47
N ASP C 90 -23.29 -12.24 -40.03
CA ASP C 90 -22.38 -11.27 -39.43
C ASP C 90 -22.79 -9.82 -39.68
N THR C 91 -24.06 -9.55 -40.00
CA THR C 91 -24.55 -8.18 -40.05
C THR C 91 -24.67 -7.64 -38.63
N ALA C 92 -23.82 -6.69 -38.26
CA ALA C 92 -23.80 -6.21 -36.89
C ALA C 92 -22.99 -4.93 -36.80
N VAL C 93 -23.06 -4.28 -35.63
CA VAL C 93 -22.25 -3.12 -35.30
C VAL C 93 -21.22 -3.54 -34.26
N TYR C 94 -20.04 -2.92 -34.31
CA TYR C 94 -18.90 -3.34 -33.51
C TYR C 94 -18.42 -2.20 -32.63
N TYR C 95 -18.21 -2.48 -31.35
CA TYR C 95 -17.70 -1.50 -30.39
C TYR C 95 -16.39 -2.01 -29.80
N CYS C 96 -15.44 -1.09 -29.62
CA CYS C 96 -14.16 -1.42 -28.99
C CYS C 96 -14.19 -1.07 -27.50
N ALA C 97 -14.93 -1.88 -26.76
CA ALA C 97 -15.13 -1.63 -25.33
C ALA C 97 -13.81 -1.72 -24.58
N ARG C 98 -13.61 -0.79 -23.65
CA ARG C 98 -12.42 -0.77 -22.80
C ARG C 98 -12.77 -1.19 -21.38
N GLU C 99 -11.78 -1.75 -20.68
CA GLU C 99 -11.92 -2.01 -19.26
C GLU C 99 -11.61 -0.74 -18.48
N TRP C 100 -11.64 -0.83 -17.15
CA TRP C 100 -11.37 0.33 -16.32
C TRP C 100 -10.89 -0.12 -14.96
N ASP C 101 -10.63 0.86 -14.09
CA ASP C 101 -9.77 0.64 -12.92
C ASP C 101 -10.36 -0.37 -11.94
N ASP C 102 -11.61 -0.17 -11.52
CA ASP C 102 -12.16 -0.95 -10.41
C ASP C 102 -12.73 -2.29 -10.83
N ASP C 103 -12.77 -2.60 -12.13
CA ASP C 103 -13.31 -3.88 -12.57
C ASP C 103 -12.80 -4.17 -13.98
N ASP C 104 -12.41 -5.43 -14.19
CA ASP C 104 -11.89 -5.87 -15.48
C ASP C 104 -12.94 -6.59 -16.32
N PHE C 105 -14.06 -6.99 -15.73
CA PHE C 105 -15.14 -7.67 -16.46
C PHE C 105 -16.29 -6.74 -16.80
N SER C 106 -16.09 -5.43 -16.65
CA SER C 106 -17.10 -4.44 -17.01
C SER C 106 -16.44 -3.36 -17.84
N PHE C 107 -17.21 -2.78 -18.75
CA PHE C 107 -16.71 -1.80 -19.71
C PHE C 107 -17.38 -0.46 -19.47
N ASP C 108 -16.58 0.59 -19.29
CA ASP C 108 -17.13 1.90 -19.02
C ASP C 108 -17.20 2.79 -20.26
N TYR C 109 -16.15 2.79 -21.07
CA TYR C 109 -16.08 3.63 -22.26
C TYR C 109 -16.17 2.78 -23.51
N TRP C 110 -17.05 3.17 -24.43
CA TRP C 110 -17.30 2.44 -25.66
C TRP C 110 -17.13 3.37 -26.84
N GLY C 111 -16.69 2.83 -27.96
CA GLY C 111 -16.63 3.60 -29.19
C GLY C 111 -18.01 3.86 -29.76
N GLN C 112 -18.08 4.78 -30.71
CA GLN C 112 -19.35 5.13 -31.33
C GLN C 112 -19.94 4.00 -32.16
N GLY C 113 -19.13 3.00 -32.52
CA GLY C 113 -19.64 1.85 -33.24
C GLY C 113 -19.57 1.98 -34.75
N THR C 114 -19.03 0.95 -35.41
CA THR C 114 -18.99 0.90 -36.86
C THR C 114 -19.89 -0.24 -37.34
N LEU C 115 -20.61 0.00 -38.43
CA LEU C 115 -21.58 -0.96 -38.93
C LEU C 115 -21.02 -1.69 -40.14
N VAL C 116 -21.04 -3.03 -40.08
CA VAL C 116 -20.62 -3.88 -41.18
C VAL C 116 -21.81 -4.72 -41.61
N THR C 117 -22.15 -4.64 -42.88
CA THR C 117 -23.28 -5.40 -43.43
C THR C 117 -22.78 -6.30 -44.56
N VAL C 118 -23.41 -7.47 -44.67
CA VAL C 118 -23.01 -8.45 -45.68
C VAL C 118 -24.25 -8.94 -46.43
N SER C 119 -24.28 -8.70 -47.73
CA SER C 119 -25.39 -9.13 -48.57
C SER C 119 -24.94 -9.11 -50.02
N SER C 120 -25.76 -9.69 -50.89
CA SER C 120 -25.47 -9.72 -52.31
C SER C 120 -25.66 -8.34 -52.93
N GLN D 1 -29.03 -16.59 -29.53
CA GLN D 1 -28.62 -15.44 -28.73
C GLN D 1 -27.71 -15.86 -27.59
N SER D 2 -27.48 -14.93 -26.66
CA SER D 2 -26.59 -15.19 -25.54
C SER D 2 -27.27 -16.06 -24.49
N ALA D 3 -26.48 -16.49 -23.50
CA ALA D 3 -26.97 -17.45 -22.51
C ALA D 3 -27.91 -16.82 -21.49
N LEU D 4 -27.64 -15.60 -21.03
CA LEU D 4 -28.43 -14.99 -19.98
C LEU D 4 -29.84 -14.67 -20.48
N THR D 5 -30.82 -14.91 -19.61
CA THR D 5 -32.23 -14.76 -19.95
C THR D 5 -32.81 -13.54 -19.24
N GLN D 6 -33.51 -12.71 -19.98
CA GLN D 6 -34.17 -11.52 -19.45
C GLN D 6 -35.59 -11.47 -20.00
N PRO D 7 -36.50 -10.80 -19.30
CA PRO D 7 -37.87 -10.66 -19.82
C PRO D 7 -37.88 -9.85 -21.11
N ALA D 8 -38.85 -10.17 -21.98
CA ALA D 8 -38.88 -9.56 -23.30
C ALA D 8 -39.12 -8.06 -23.23
N SER D 9 -40.07 -7.63 -22.41
CA SER D 9 -40.41 -6.21 -22.33
C SER D 9 -40.98 -5.90 -20.96
N VAL D 10 -40.88 -4.62 -20.57
CA VAL D 10 -41.43 -4.13 -19.31
C VAL D 10 -41.83 -2.68 -19.50
N SER D 11 -42.94 -2.29 -18.87
CA SER D 11 -43.45 -0.94 -18.98
C SER D 11 -43.86 -0.43 -17.61
N GLY D 12 -43.87 0.89 -17.46
CA GLY D 12 -44.21 1.49 -16.20
C GLY D 12 -44.75 2.89 -16.37
N SER D 13 -44.79 3.63 -15.26
CA SER D 13 -45.29 4.98 -15.20
C SER D 13 -44.28 5.84 -14.45
N PRO D 14 -44.22 7.15 -14.76
CA PRO D 14 -43.25 8.02 -14.07
C PRO D 14 -43.37 8.03 -12.56
N GLY D 15 -44.57 7.82 -12.02
CA GLY D 15 -44.76 7.83 -10.58
C GLY D 15 -44.71 6.46 -9.93
N GLN D 16 -44.13 5.50 -10.62
CA GLN D 16 -44.10 4.12 -10.14
C GLN D 16 -42.66 3.61 -10.10
N SER D 17 -42.51 2.37 -9.64
CA SER D 17 -41.23 1.69 -9.56
C SER D 17 -41.32 0.36 -10.29
N ILE D 18 -40.18 -0.07 -10.84
CA ILE D 18 -40.13 -1.26 -11.69
C ILE D 18 -38.93 -2.11 -11.32
N THR D 19 -38.95 -3.37 -11.76
CA THR D 19 -37.85 -4.30 -11.57
C THR D 19 -37.58 -5.03 -12.87
N ILE D 20 -36.30 -5.31 -13.12
CA ILE D 20 -35.87 -6.07 -14.29
C ILE D 20 -35.02 -7.24 -13.80
N SER D 21 -35.33 -8.45 -14.30
CA SER D 21 -34.70 -9.67 -13.81
C SER D 21 -33.64 -10.16 -14.80
N CYS D 22 -32.54 -10.66 -14.25
CA CYS D 22 -31.49 -11.32 -15.02
C CYS D 22 -31.16 -12.63 -14.33
N THR D 23 -31.11 -13.72 -15.10
CA THR D 23 -30.95 -15.04 -14.51
C THR D 23 -29.93 -15.83 -15.33
N GLY D 24 -29.32 -16.82 -14.67
CA GLY D 24 -28.36 -17.68 -15.31
C GLY D 24 -28.10 -18.90 -14.46
N THR D 25 -27.21 -19.76 -14.95
CA THR D 25 -26.85 -20.96 -14.20
C THR D 25 -25.91 -20.60 -13.06
N SER D 26 -25.49 -21.63 -12.32
CA SER D 26 -24.58 -21.42 -11.20
C SER D 26 -23.24 -20.87 -11.66
N SER D 27 -22.73 -21.34 -12.78
CA SER D 27 -21.44 -20.87 -13.28
C SER D 27 -21.55 -19.46 -13.84
N ASP D 28 -22.73 -19.09 -14.36
CA ASP D 28 -22.87 -17.80 -15.04
C ASP D 28 -22.98 -16.65 -14.03
N VAL D 29 -24.02 -16.66 -13.21
CA VAL D 29 -24.33 -15.52 -12.35
C VAL D 29 -24.30 -15.92 -10.88
N GLY D 30 -24.90 -17.06 -10.56
CA GLY D 30 -25.11 -17.41 -9.16
C GLY D 30 -23.80 -17.58 -8.39
N GLY D 31 -22.80 -18.17 -9.03
CA GLY D 31 -21.56 -18.48 -8.35
C GLY D 31 -20.65 -17.29 -8.09
N TYR D 32 -20.24 -16.60 -9.15
CA TYR D 32 -19.16 -15.63 -9.03
C TYR D 32 -19.64 -14.21 -8.80
N ASN D 33 -20.96 -13.99 -8.72
CA ASN D 33 -21.59 -12.72 -8.32
C ASN D 33 -20.86 -11.48 -8.86
N TYR D 34 -20.42 -11.54 -10.12
CA TYR D 34 -19.73 -10.44 -10.78
C TYR D 34 -20.61 -9.76 -11.83
N VAL D 35 -21.93 -9.82 -11.66
CA VAL D 35 -22.85 -9.33 -12.67
C VAL D 35 -22.77 -7.80 -12.77
N SER D 36 -22.92 -7.29 -13.99
CA SER D 36 -22.99 -5.86 -14.24
C SER D 36 -24.08 -5.59 -15.27
N TRP D 37 -24.61 -4.38 -15.25
CA TRP D 37 -25.73 -3.99 -16.11
C TRP D 37 -25.32 -2.84 -17.01
N TYR D 38 -25.92 -2.80 -18.20
CA TYR D 38 -25.68 -1.74 -19.18
C TYR D 38 -27.00 -1.15 -19.65
N GLN D 39 -26.96 0.13 -20.00
CA GLN D 39 -28.11 0.81 -20.58
C GLN D 39 -27.71 1.42 -21.92
N GLN D 40 -28.53 1.17 -22.94
CA GLN D 40 -28.25 1.65 -24.29
C GLN D 40 -29.43 2.44 -24.82
N HIS D 41 -29.18 3.68 -25.24
CA HIS D 41 -30.16 4.48 -25.94
C HIS D 41 -30.10 4.19 -27.44
N PRO D 42 -31.20 4.37 -28.17
CA PRO D 42 -31.18 4.06 -29.61
C PRO D 42 -30.17 4.93 -30.34
N GLY D 43 -29.23 4.26 -31.03
CA GLY D 43 -28.21 4.94 -31.79
C GLY D 43 -26.95 5.29 -31.03
N LYS D 44 -26.95 5.19 -29.70
CA LYS D 44 -25.80 5.53 -28.90
C LYS D 44 -25.15 4.27 -28.32
N ALA D 45 -23.89 4.41 -27.90
CA ALA D 45 -23.16 3.32 -27.28
C ALA D 45 -23.74 3.04 -25.89
N PRO D 46 -23.76 1.76 -25.48
CA PRO D 46 -24.28 1.44 -24.14
C PRO D 46 -23.51 2.10 -23.02
N LYS D 47 -24.21 2.48 -21.95
CA LYS D 47 -23.61 3.12 -20.80
C LYS D 47 -23.75 2.23 -19.57
N LEU D 48 -22.72 2.23 -18.74
CA LEU D 48 -22.65 1.36 -17.57
C LEU D 48 -23.41 1.98 -16.40
N MET D 49 -24.35 1.23 -15.84
CA MET D 49 -25.14 1.67 -14.70
C MET D 49 -24.63 1.13 -13.37
N ILE D 50 -24.53 -0.20 -13.24
CA ILE D 50 -24.04 -0.81 -12.01
C ILE D 50 -23.09 -1.94 -12.35
N TYR D 51 -22.24 -2.30 -11.39
CA TYR D 51 -21.30 -3.40 -11.54
C TYR D 51 -21.10 -4.03 -10.18
N GLU D 52 -20.57 -5.25 -10.17
CA GLU D 52 -20.42 -6.04 -8.94
C GLU D 52 -21.73 -6.10 -8.17
N VAL D 53 -22.79 -6.49 -8.86
CA VAL D 53 -24.14 -6.63 -8.30
C VAL D 53 -24.69 -5.28 -7.88
N SER D 54 -24.14 -4.70 -6.82
CA SER D 54 -24.70 -3.50 -6.22
C SER D 54 -23.84 -2.26 -6.32
N ASN D 55 -22.55 -2.39 -6.60
CA ASN D 55 -21.69 -1.22 -6.70
C ASN D 55 -22.10 -0.36 -7.90
N ARG D 56 -21.86 0.94 -7.78
CA ARG D 56 -22.33 1.89 -8.78
C ARG D 56 -21.26 2.95 -9.06
N PRO D 57 -20.88 3.14 -10.32
CA PRO D 57 -19.88 4.16 -10.64
C PRO D 57 -20.44 5.56 -10.47
N SER D 58 -19.55 6.51 -10.22
CA SER D 58 -19.95 7.90 -10.05
C SER D 58 -20.43 8.50 -11.36
N GLY D 59 -21.30 9.50 -11.24
CA GLY D 59 -21.83 10.20 -12.38
C GLY D 59 -23.19 9.78 -12.86
N VAL D 60 -23.87 8.88 -12.14
CA VAL D 60 -25.20 8.41 -12.50
C VAL D 60 -26.12 8.59 -11.31
N SER D 61 -27.42 8.68 -11.59
CA SER D 61 -28.41 8.92 -10.54
C SER D 61 -28.51 7.73 -9.59
N ASN D 62 -28.99 8.01 -8.38
CA ASN D 62 -29.15 7.00 -7.35
C ASN D 62 -30.37 6.11 -7.56
N ARG D 63 -31.22 6.42 -8.54
CA ARG D 63 -32.43 5.64 -8.76
C ARG D 63 -32.14 4.22 -9.23
N PHE D 64 -30.94 3.94 -9.70
CA PHE D 64 -30.56 2.61 -10.17
C PHE D 64 -29.94 1.82 -9.02
N SER D 65 -30.56 0.71 -8.66
CA SER D 65 -30.07 -0.16 -7.60
C SER D 65 -30.06 -1.60 -8.08
N GLY D 66 -29.09 -2.36 -7.60
CA GLY D 66 -28.94 -3.76 -7.99
C GLY D 66 -28.88 -4.67 -6.78
N SER D 67 -29.33 -5.91 -6.97
CA SER D 67 -29.31 -6.91 -5.92
C SER D 67 -29.23 -8.29 -6.54
N LYS D 68 -28.76 -9.25 -5.75
CA LYS D 68 -28.64 -10.64 -6.18
C LYS D 68 -29.38 -11.54 -5.20
N SER D 69 -30.01 -12.59 -5.73
CA SER D 69 -30.72 -13.56 -4.90
C SER D 69 -30.64 -14.90 -5.60
N GLY D 70 -29.81 -15.80 -5.08
CA GLY D 70 -29.60 -17.08 -5.74
C GLY D 70 -28.98 -16.88 -7.10
N ASN D 71 -29.56 -17.52 -8.12
CA ASN D 71 -29.05 -17.41 -9.47
C ASN D 71 -29.52 -16.14 -10.18
N THR D 72 -30.54 -15.48 -9.65
CA THR D 72 -31.17 -14.34 -10.31
C THR D 72 -30.67 -13.03 -9.73
N ALA D 73 -30.24 -12.12 -10.60
CA ALA D 73 -29.89 -10.76 -10.23
C ALA D 73 -30.92 -9.80 -10.82
N SER D 74 -31.29 -8.79 -10.04
CA SER D 74 -32.38 -7.90 -10.40
C SER D 74 -31.94 -6.45 -10.35
N LEU D 75 -32.45 -5.65 -11.29
CA LEU D 75 -32.23 -4.22 -11.33
C LEU D 75 -33.57 -3.51 -11.11
N THR D 76 -33.59 -2.56 -10.18
CA THR D 76 -34.81 -1.85 -9.81
C THR D 76 -34.63 -0.36 -10.05
N ILE D 77 -35.66 0.26 -10.63
CA ILE D 77 -35.66 1.68 -10.92
C ILE D 77 -36.92 2.30 -10.31
N SER D 78 -36.75 3.42 -9.61
CA SER D 78 -37.85 4.12 -8.96
C SER D 78 -37.89 5.56 -9.48
N GLY D 79 -39.10 6.07 -9.67
CA GLY D 79 -39.26 7.41 -10.20
C GLY D 79 -38.88 7.49 -11.67
N LEU D 80 -39.68 6.84 -12.53
CA LEU D 80 -39.37 6.78 -13.95
C LEU D 80 -39.38 8.18 -14.56
N GLN D 81 -38.47 8.40 -15.51
CA GLN D 81 -38.37 9.66 -16.22
C GLN D 81 -38.20 9.38 -17.71
N ALA D 82 -37.98 10.46 -18.47
CA ALA D 82 -37.75 10.31 -19.91
C ALA D 82 -36.43 9.61 -20.21
N GLU D 83 -35.50 9.58 -19.26
CA GLU D 83 -34.20 8.94 -19.48
C GLU D 83 -34.30 7.44 -19.53
N ASP D 84 -35.34 6.84 -18.94
CA ASP D 84 -35.42 5.41 -18.77
C ASP D 84 -36.04 4.68 -19.96
N GLU D 85 -36.41 5.39 -21.02
CA GLU D 85 -36.94 4.74 -22.22
C GLU D 85 -35.77 4.28 -23.09
N ALA D 86 -35.15 3.18 -22.67
CA ALA D 86 -33.96 2.66 -23.32
C ALA D 86 -33.88 1.15 -23.10
N ASP D 87 -32.80 0.56 -23.62
CA ASP D 87 -32.57 -0.87 -23.52
C ASP D 87 -31.58 -1.18 -22.40
N TYR D 88 -31.84 -2.24 -21.65
CA TYR D 88 -31.00 -2.67 -20.55
C TYR D 88 -30.47 -4.07 -20.83
N TYR D 89 -29.16 -4.24 -20.63
CA TYR D 89 -28.49 -5.51 -20.87
C TYR D 89 -27.80 -5.98 -19.59
N CYS D 90 -27.85 -7.28 -19.35
CA CYS D 90 -27.19 -7.92 -18.22
C CYS D 90 -25.95 -8.66 -18.69
N SER D 91 -24.88 -8.53 -17.90
CA SER D 91 -23.61 -9.18 -18.23
C SER D 91 -23.01 -9.80 -16.98
N SER D 92 -22.43 -10.99 -17.13
CA SER D 92 -21.86 -11.71 -16.00
C SER D 92 -20.62 -12.46 -16.44
N TYR D 93 -19.74 -12.75 -15.48
CA TYR D 93 -18.50 -13.46 -15.72
C TYR D 93 -18.76 -14.97 -15.68
N THR D 94 -18.20 -15.68 -16.65
CA THR D 94 -18.38 -17.12 -16.78
C THR D 94 -17.03 -17.82 -16.71
N SER D 95 -16.95 -18.88 -15.90
CA SER D 95 -15.75 -19.72 -15.82
C SER D 95 -15.81 -20.76 -16.92
N SER D 96 -15.55 -20.31 -18.14
CA SER D 96 -15.61 -21.16 -19.32
C SER D 96 -14.74 -20.54 -20.41
N SER D 97 -14.92 -21.00 -21.65
CA SER D 97 -14.14 -20.45 -22.76
C SER D 97 -14.44 -18.97 -22.95
N THR D 98 -15.71 -18.57 -22.85
CA THR D 98 -16.07 -17.17 -22.97
C THR D 98 -15.83 -16.47 -21.63
N LEU D 99 -15.06 -15.38 -21.67
CA LEU D 99 -14.73 -14.67 -20.44
C LEU D 99 -15.96 -14.03 -19.81
N VAL D 100 -16.72 -13.28 -20.60
CA VAL D 100 -17.92 -12.60 -20.11
C VAL D 100 -19.02 -12.75 -21.16
N VAL D 101 -20.24 -12.97 -20.68
CA VAL D 101 -21.39 -13.18 -21.53
C VAL D 101 -22.46 -12.15 -21.20
N PHE D 102 -23.14 -11.64 -22.22
CA PHE D 102 -24.15 -10.62 -22.06
C PHE D 102 -25.55 -11.24 -22.03
N GLY D 103 -26.54 -10.41 -21.74
CA GLY D 103 -27.91 -10.85 -21.73
C GLY D 103 -28.63 -10.59 -23.05
N GLY D 104 -29.86 -11.10 -23.13
CA GLY D 104 -30.66 -10.89 -24.31
C GLY D 104 -31.25 -9.50 -24.44
N GLY D 105 -31.29 -8.74 -23.35
CA GLY D 105 -31.79 -7.39 -23.38
C GLY D 105 -33.29 -7.31 -23.18
N THR D 106 -33.74 -6.13 -22.73
CA THR D 106 -35.15 -5.87 -22.53
C THR D 106 -35.46 -4.45 -22.98
N LYS D 107 -36.71 -4.21 -23.34
CA LYS D 107 -37.19 -2.91 -23.78
C LYS D 107 -38.06 -2.31 -22.70
N LEU D 108 -37.75 -1.08 -22.30
CA LEU D 108 -38.47 -0.38 -21.24
C LEU D 108 -39.20 0.82 -21.81
N THR D 109 -40.50 0.90 -21.56
CA THR D 109 -41.33 2.00 -22.02
C THR D 109 -41.88 2.75 -20.81
N VAL D 110 -41.70 4.07 -20.80
CA VAL D 110 -42.15 4.89 -19.69
C VAL D 110 -43.56 5.40 -19.93
#